data_9K20
#
_entry.id   9K20
#
_cell.length_a   1.00
_cell.length_b   1.00
_cell.length_c   1.00
_cell.angle_alpha   90.00
_cell.angle_beta   90.00
_cell.angle_gamma   90.00
#
_symmetry.space_group_name_H-M   'P 1'
#
loop_
_entity.id
_entity.type
_entity.pdbx_description
1 polymer 'P2Y purinoceptor 2'
2 polymer 'Guanine nucleotide-binding protein G(o) subunit alpha'
3 polymer 'Guanine nucleotide-binding protein G(I)/G(S)/G(T) subunit beta-1'
4 polymer 'Guanine nucleotide-binding protein G(I)/G(S)/G(O) subunit gamma-2'
5 polymer 'Single Fab chain (svFv16)'
6 non-polymer "ADENOSINE-5'-TRIPHOSPHATE"
#
loop_
_entity_poly.entity_id
_entity_poly.type
_entity_poly.pdbx_seq_one_letter_code
_entity_poly.pdbx_strand_id
1 'polypeptide(L)'
;MKTIIALSYIFCLVFADYKDDDDAMAADLGPWNDTINGTWDGDELGYRCRFNEDFKYVLLPVSYGVVCVLGLCLNAVALY
IFLCRLKTWNASTTYMFHLAVSDALYAASLPLLVYYYARGDHWPFSTVLCKLVRFLFYTNLYCSILFLTCISVHRCLGVL
RPLRSLRWGRARYARRVAGAVWVLVLACQAPVLYFVTTSARGGRVTCHDTSAPELFSRFVAYSSVMLGLLFAVPFAVILV
CYVLMARRLLKPAYGTSGGLPRAKRKSVRTIAVVLAVFALCFLPFHVTRTLYYSFRSLDLSCHTLNAINMAYKVTRPLAS
ANSCLNPVLYFLAGQSLVRFARDAKPPTGPSPATPARRRLGLRRSDRTDMQRIEDVLGSSEDSRRTESTPAGSENTKDIR
LHHHHHHGGSGGLEVLFQGP
;
A
2 'polypeptide(L)'
;TLSAEDKAAVERSKMGIEKNLKEDGISAAKDVKLLLLGADNSGKSTIVKQMKIIHGGSGGSGGTTGIVETHFTFKNLHFR
LFDVGGQRSERKKWIHCFEDVTAIIFCVDLSDYNRMHESLMDFDSICNNKFFIDTSIILFLNKKDLFGEKIKKSPLTICF
PEYTGPNTYEDAAAYIQAQFESKNRSPNKEIYCHMTCATDTNNAQVIFDAVTDIIIANNLRGCGLY
;
B
3 'polypeptide(L)'
;MHHHHHHLEVLFQGPGSSGSELDQLRQEAEQLKNQIRDARKACADATLSQITNNIDPVGRIQMRTRRTLRGHLAKIYAMH
WGTDSRLLVSASQDGKLIIWDSYTTNKVHAIPLRSSWVMTCAYAPSGNYVACGGLDNICSIYNLKTREGNVRVSRELAGH
TGYLSCCRFLDDNQIVTSSGDTTCALWDIETGQQTTTFTGHTGDVMSLSLAPDTRLFVSGACDASAKLWDVREGMCRQTF
TGHESDINAICFFPNGNAFATGSDDATCRLFDLRADQELMTYSHDNIICGITSVSFSKSGRLLLAGYDDFNCNVWDALKA
DRAGVLAGHDNRVSCLGVTDDGMAVATGSWDSFLKIWN
;
C
4 'polypeptide(L)' MASNNTASIAQARKLVEQLKMEANIDRIKVSKAAADLMAYCEAHAKEDPLLTPVPASENPFREKKFFCAIL D
5 'polypeptide(L)'
;MVSAIVLYVLLAAAAHSAFADVQLVESGGGLVQPGGSRKLSCSASGFAFSSFGMHWVRQAPEKGLEWVAYISSGSGTIYY
ADTVKGRFTISRDDPKNTLFLQMTSLRSEDTAMYYCVRSIYYYGSSPFDFWGQGTTLTVSSGGGGSGGGGSGGGGSDIVM
TQATSSVPVTPGESVSISCRSSKSLLHSNGNTYLYWFLQRPGQSPQLLIYRMSNLASGVPDRFSGSGSGTAFTLTISRLE
AEDVGVYYCMQHLEYPLTFGAGTKLELKGSLEVLFQGPAAAHHHHHHHH
;
E
#
# COMPACT_ATOMS: atom_id res chain seq x y z
N LEU A 45 38.70 16.64 51.16
CA LEU A 45 38.37 15.23 51.09
C LEU A 45 39.20 14.40 52.08
N GLY A 46 39.63 15.05 53.16
CA GLY A 46 40.31 14.35 54.22
C GLY A 46 39.36 13.55 55.09
N TYR A 47 38.80 12.47 54.55
CA TYR A 47 37.83 11.66 55.28
C TYR A 47 38.47 11.00 56.49
N ARG A 48 37.67 10.85 57.55
CA ARG A 48 38.17 10.23 58.78
C ARG A 48 38.48 8.75 58.54
N CYS A 49 37.62 8.05 57.81
CA CYS A 49 37.76 6.62 57.60
C CYS A 49 38.13 6.37 56.15
N ARG A 50 39.40 6.04 55.92
CA ARG A 50 39.92 5.77 54.59
C ARG A 50 39.66 4.30 54.24
N PHE A 51 39.03 4.08 53.09
CA PHE A 51 38.65 2.73 52.69
C PHE A 51 39.86 1.97 52.17
N ASN A 52 39.68 0.66 52.03
CA ASN A 52 40.68 -0.22 51.43
C ASN A 52 40.10 -0.74 50.12
N GLU A 53 40.60 -0.21 49.00
CA GLU A 53 40.09 -0.52 47.67
C GLU A 53 41.23 -1.02 46.80
N ASP A 54 41.51 -2.32 46.85
CA ASP A 54 42.43 -2.95 45.91
C ASP A 54 41.72 -3.84 44.91
N PHE A 55 40.51 -4.30 45.23
CA PHE A 55 39.73 -5.10 44.29
C PHE A 55 39.30 -4.28 43.09
N LYS A 56 38.99 -2.99 43.29
CA LYS A 56 38.38 -2.19 42.24
C LYS A 56 39.34 -1.98 41.06
N TYR A 57 40.58 -1.62 41.36
CA TYR A 57 41.57 -1.24 40.35
C TYR A 57 41.93 -2.40 39.42
N VAL A 58 41.57 -3.63 39.78
CA VAL A 58 41.71 -4.77 38.90
C VAL A 58 40.37 -5.19 38.30
N LEU A 59 39.32 -5.20 39.12
CA LEU A 59 38.04 -5.76 38.70
C LEU A 59 37.30 -4.85 37.72
N LEU A 60 37.12 -3.59 38.08
CA LEU A 60 36.33 -2.70 37.24
C LEU A 60 36.96 -2.45 35.87
N PRO A 61 38.28 -2.26 35.72
CA PRO A 61 38.83 -2.17 34.35
C PRO A 61 38.50 -3.35 33.45
N VAL A 62 38.82 -4.58 33.86
CA VAL A 62 38.64 -5.72 32.96
C VAL A 62 37.16 -5.95 32.68
N SER A 63 36.31 -5.82 33.70
CA SER A 63 34.88 -6.00 33.51
C SER A 63 34.31 -4.96 32.56
N TYR A 64 34.64 -3.69 32.80
CA TYR A 64 34.13 -2.61 31.95
C TYR A 64 34.63 -2.75 30.52
N GLY A 65 35.89 -3.14 30.34
CA GLY A 65 36.42 -3.31 29.00
C GLY A 65 35.78 -4.45 28.24
N VAL A 66 35.61 -5.61 28.90
CA VAL A 66 34.97 -6.74 28.24
C VAL A 66 33.52 -6.41 27.90
N VAL A 67 32.81 -5.78 28.85
CA VAL A 67 31.43 -5.39 28.60
C VAL A 67 31.35 -4.38 27.47
N CYS A 68 32.28 -3.42 27.43
CA CYS A 68 32.29 -2.43 26.37
C CYS A 68 32.49 -3.08 25.01
N VAL A 69 33.46 -3.98 24.91
CA VAL A 69 33.73 -4.62 23.62
C VAL A 69 32.54 -5.44 23.16
N LEU A 70 32.02 -6.30 24.05
CA LEU A 70 30.91 -7.17 23.68
C LEU A 70 29.66 -6.37 23.34
N GLY A 71 29.33 -5.38 24.17
CA GLY A 71 28.15 -4.57 23.92
C GLY A 71 28.26 -3.73 22.68
N LEU A 72 29.44 -3.17 22.41
CA LEU A 72 29.64 -2.39 21.20
C LEU A 72 29.45 -3.26 19.97
N CYS A 73 30.07 -4.45 19.96
CA CYS A 73 29.93 -5.33 18.81
C CYS A 73 28.49 -5.77 18.62
N LEU A 74 27.82 -6.16 19.71
CA LEU A 74 26.45 -6.66 19.61
C LEU A 74 25.48 -5.57 19.20
N ASN A 75 25.64 -4.36 19.74
CA ASN A 75 24.74 -3.27 19.38
C ASN A 75 25.01 -2.77 17.97
N ALA A 76 26.27 -2.80 17.53
CA ALA A 76 26.56 -2.46 16.14
C ALA A 76 25.89 -3.43 15.19
N VAL A 77 26.02 -4.74 15.46
CA VAL A 77 25.38 -5.71 14.56
C VAL A 77 23.87 -5.65 14.68
N ALA A 78 23.35 -5.27 15.86
CA ALA A 78 21.90 -5.14 16.03
C ALA A 78 21.36 -3.96 15.23
N LEU A 79 22.03 -2.82 15.30
CA LEU A 79 21.63 -1.70 14.46
C LEU A 79 21.77 -2.05 12.98
N TYR A 80 22.80 -2.84 12.63
CA TYR A 80 22.96 -3.26 11.24
C TYR A 80 21.77 -4.08 10.76
N ILE A 81 21.34 -5.07 11.56
CA ILE A 81 20.22 -5.89 11.10
C ILE A 81 18.92 -5.09 11.11
N PHE A 82 18.68 -4.31 12.17
CA PHE A 82 17.46 -3.52 12.25
C PHE A 82 17.39 -2.40 11.20
N LEU A 83 18.51 -2.04 10.58
CA LEU A 83 18.50 -1.01 9.55
C LEU A 83 18.74 -1.54 8.14
N CYS A 84 19.17 -2.79 7.98
CA CYS A 84 19.47 -3.31 6.66
C CYS A 84 18.69 -4.58 6.30
N ARG A 85 18.47 -5.49 7.26
CA ARG A 85 17.74 -6.71 6.95
C ARG A 85 16.27 -6.43 6.67
N LEU A 86 15.76 -5.31 7.18
CA LEU A 86 14.38 -4.90 6.94
C LEU A 86 14.28 -3.41 7.24
N LYS A 87 13.29 -2.75 6.63
CA LYS A 87 12.99 -1.36 6.93
C LYS A 87 11.49 -1.16 7.05
N THR A 88 10.81 -2.13 7.65
CA THR A 88 9.42 -1.98 8.07
C THR A 88 9.33 -2.29 9.55
N TRP A 89 8.83 -1.33 10.32
CA TRP A 89 8.87 -1.41 11.77
C TRP A 89 7.46 -1.36 12.34
N ASN A 90 7.27 -2.12 13.42
CA ASN A 90 6.04 -2.11 14.19
C ASN A 90 6.31 -1.42 15.53
N ALA A 91 5.30 -1.47 16.41
CA ALA A 91 5.40 -0.73 17.68
C ALA A 91 6.45 -1.31 18.62
N SER A 92 6.98 -2.49 18.33
CA SER A 92 8.01 -3.09 19.17
C SER A 92 9.40 -2.94 18.59
N THR A 93 9.51 -2.97 17.25
CA THR A 93 10.82 -2.88 16.61
C THR A 93 11.49 -1.54 16.88
N THR A 94 10.69 -0.46 16.92
CA THR A 94 11.23 0.85 17.28
C THR A 94 11.77 0.85 18.70
N TYR A 95 11.05 0.21 19.62
CA TYR A 95 11.52 0.12 21.00
C TYR A 95 12.84 -0.65 21.08
N MET A 96 12.95 -1.76 20.36
CA MET A 96 14.21 -2.49 20.35
C MET A 96 15.34 -1.68 19.74
N PHE A 97 15.05 -0.91 18.69
CA PHE A 97 16.08 -0.07 18.08
C PHE A 97 16.57 1.01 19.05
N HIS A 98 15.64 1.64 19.77
CA HIS A 98 16.02 2.67 20.72
C HIS A 98 16.78 2.07 21.92
N LEU A 99 16.37 0.88 22.36
CA LEU A 99 17.12 0.19 23.40
C LEU A 99 18.53 -0.14 22.93
N ALA A 100 18.66 -0.54 21.67
CA ALA A 100 19.98 -0.85 21.12
C ALA A 100 20.86 0.39 21.06
N VAL A 101 20.29 1.54 20.66
CA VAL A 101 21.10 2.74 20.59
C VAL A 101 21.48 3.22 21.99
N SER A 102 20.59 3.04 22.98
CA SER A 102 20.95 3.36 24.35
C SER A 102 22.08 2.48 24.86
N ASP A 103 22.01 1.18 24.57
CA ASP A 103 23.08 0.26 24.97
C ASP A 103 24.39 0.60 24.27
N ALA A 104 24.33 0.97 23.00
CA ALA A 104 25.53 1.34 22.26
C ALA A 104 26.17 2.59 22.85
N LEU A 105 25.37 3.60 23.19
CA LEU A 105 25.92 4.81 23.79
C LEU A 105 26.49 4.51 25.18
N TYR A 106 25.84 3.65 25.96
CA TYR A 106 26.37 3.27 27.26
C TYR A 106 27.72 2.57 27.11
N ALA A 107 27.84 1.68 26.13
CA ALA A 107 29.11 1.00 25.90
C ALA A 107 30.17 1.98 25.40
N ALA A 108 29.78 2.98 24.60
CA ALA A 108 30.73 3.98 24.13
C ALA A 108 31.23 4.87 25.27
N SER A 109 30.42 5.07 26.30
CA SER A 109 30.84 5.87 27.44
C SER A 109 31.88 5.18 28.32
N LEU A 110 32.14 3.90 28.11
CA LEU A 110 32.97 3.06 28.99
C LEU A 110 34.49 3.23 28.88
N PRO A 111 35.09 3.46 27.68
CA PRO A 111 36.57 3.53 27.62
C PRO A 111 37.20 4.56 28.56
N LEU A 112 36.59 5.72 28.74
CA LEU A 112 37.14 6.68 29.69
C LEU A 112 37.14 6.11 31.10
N LEU A 113 36.07 5.41 31.48
CA LEU A 113 35.99 4.84 32.82
C LEU A 113 37.01 3.72 33.02
N VAL A 114 37.19 2.85 32.02
CA VAL A 114 38.17 1.79 32.17
C VAL A 114 39.58 2.38 32.25
N TYR A 115 39.88 3.41 31.46
CA TYR A 115 41.18 4.04 31.55
C TYR A 115 41.40 4.68 32.92
N TYR A 116 40.39 5.40 33.42
CA TYR A 116 40.51 6.08 34.70
C TYR A 116 40.69 5.10 35.84
N TYR A 117 39.96 3.99 35.82
CA TYR A 117 40.08 3.02 36.92
C TYR A 117 41.36 2.19 36.81
N ALA A 118 41.81 1.88 35.60
CA ALA A 118 43.05 1.14 35.44
C ALA A 118 44.27 2.01 35.73
N ARG A 119 44.14 3.33 35.63
CA ARG A 119 45.20 4.25 36.01
C ARG A 119 45.20 4.57 37.50
N GLY A 120 44.59 3.72 38.32
CA GLY A 120 44.60 3.91 39.76
C GLY A 120 43.87 5.14 40.25
N ASP A 121 42.65 5.35 39.74
CA ASP A 121 41.79 6.48 40.12
C ASP A 121 42.47 7.82 39.85
N HIS A 122 43.12 7.93 38.69
CA HIS A 122 43.79 9.16 38.28
C HIS A 122 43.11 9.71 37.03
N TRP A 123 42.86 11.01 37.04
CA TRP A 123 42.22 11.68 35.91
C TRP A 123 43.21 12.59 35.20
N PRO A 124 43.67 12.26 34.00
CA PRO A 124 44.54 13.15 33.25
C PRO A 124 43.82 14.07 32.26
N PHE A 125 42.51 13.99 32.15
CA PHE A 125 41.75 14.78 31.19
C PHE A 125 41.05 15.94 31.88
N SER A 126 40.30 16.72 31.10
CA SER A 126 39.66 17.93 31.60
C SER A 126 38.42 17.58 32.42
N THR A 127 37.95 18.58 33.16
CA THR A 127 36.77 18.38 34.01
C THR A 127 35.51 18.16 33.19
N VAL A 128 35.33 18.95 32.12
CA VAL A 128 34.12 18.86 31.31
C VAL A 128 34.03 17.51 30.62
N LEU A 129 35.16 16.92 30.25
CA LEU A 129 35.14 15.59 29.64
C LEU A 129 34.57 14.55 30.60
N CYS A 130 35.00 14.60 31.87
CA CYS A 130 34.48 13.61 32.82
C CYS A 130 33.04 13.89 33.18
N LYS A 131 32.65 15.16 33.27
CA LYS A 131 31.24 15.47 33.49
C LYS A 131 30.37 14.89 32.38
N LEU A 132 30.81 15.07 31.13
CA LEU A 132 30.07 14.54 29.99
C LEU A 132 30.05 13.01 30.01
N VAL A 133 31.17 12.38 30.38
CA VAL A 133 31.22 10.92 30.34
C VAL A 133 30.33 10.31 31.42
N ARG A 134 30.29 10.91 32.61
CA ARG A 134 29.40 10.40 33.65
C ARG A 134 27.95 10.65 33.29
N PHE A 135 27.66 11.81 32.68
CA PHE A 135 26.31 12.11 32.22
C PHE A 135 25.86 11.09 31.20
N LEU A 136 26.72 10.76 30.23
CA LEU A 136 26.37 9.76 29.22
C LEU A 136 26.16 8.40 29.86
N PHE A 137 27.05 8.00 30.76
CA PHE A 137 26.93 6.75 31.50
C PHE A 137 25.55 6.59 32.12
N TYR A 138 25.17 7.54 32.99
CA TYR A 138 23.91 7.38 33.72
C TYR A 138 22.70 7.62 32.82
N THR A 139 22.80 8.54 31.86
CA THR A 139 21.71 8.78 30.93
C THR A 139 21.34 7.52 30.17
N ASN A 140 22.35 6.83 29.63
CA ASN A 140 22.06 5.62 28.87
C ASN A 140 21.68 4.46 29.77
N LEU A 141 22.24 4.39 30.99
CA LEU A 141 21.83 3.34 31.92
C LEU A 141 20.35 3.44 32.24
N TYR A 142 19.83 4.65 32.43
CA TYR A 142 18.41 4.77 32.75
C TYR A 142 17.53 4.78 31.50
N CYS A 143 18.06 5.21 30.36
CA CYS A 143 17.31 5.15 29.11
C CYS A 143 17.05 3.70 28.71
N SER A 144 18.03 2.82 28.91
CA SER A 144 17.82 1.40 28.63
C SER A 144 16.73 0.82 29.51
N ILE A 145 16.72 1.20 30.80
CA ILE A 145 15.68 0.73 31.71
C ILE A 145 14.30 1.20 31.26
N LEU A 146 14.21 2.46 30.82
CA LEU A 146 12.91 2.98 30.36
C LEU A 146 12.46 2.29 29.09
N PHE A 147 13.37 1.98 28.17
CA PHE A 147 12.99 1.26 26.96
C PHE A 147 12.56 -0.18 27.29
N LEU A 148 13.21 -0.81 28.26
CA LEU A 148 12.77 -2.12 28.71
C LEU A 148 11.37 -2.06 29.30
N THR A 149 11.09 -1.00 30.06
CA THR A 149 9.74 -0.80 30.59
C THR A 149 8.72 -0.65 29.47
N CYS A 150 9.06 0.12 28.43
CA CYS A 150 8.17 0.29 27.29
C CYS A 150 7.89 -1.04 26.60
N ILE A 151 8.93 -1.87 26.43
CA ILE A 151 8.76 -3.17 25.80
C ILE A 151 7.86 -4.07 26.66
N SER A 152 8.07 -4.05 27.98
CA SER A 152 7.24 -4.86 28.87
C SER A 152 5.77 -4.44 28.81
N VAL A 153 5.51 -3.14 28.82
CA VAL A 153 4.13 -2.66 28.74
C VAL A 153 3.51 -3.03 27.40
N HIS A 154 4.29 -2.91 26.32
CA HIS A 154 3.79 -3.26 25.00
C HIS A 154 3.41 -4.74 24.92
N ARG A 155 4.26 -5.62 25.46
CA ARG A 155 3.95 -7.05 25.46
C ARG A 155 2.73 -7.36 26.33
N CYS A 156 2.66 -6.77 27.51
CA CYS A 156 1.53 -7.02 28.40
C CYS A 156 0.22 -6.52 27.79
N LEU A 157 0.26 -5.42 27.05
CA LEU A 157 -0.94 -4.94 26.37
C LEU A 157 -1.29 -5.80 25.15
N GLY A 158 -0.27 -6.33 24.46
CA GLY A 158 -0.55 -7.21 23.34
C GLY A 158 -1.14 -8.54 23.77
N VAL A 159 -0.88 -8.97 24.99
CA VAL A 159 -1.45 -10.21 25.48
C VAL A 159 -2.76 -9.98 26.22
N LEU A 160 -2.81 -9.01 27.14
CA LEU A 160 -3.97 -8.83 28.00
C LEU A 160 -5.15 -8.19 27.29
N ARG A 161 -4.89 -7.23 26.40
CA ARG A 161 -5.93 -6.61 25.58
C ARG A 161 -5.49 -6.74 24.13
N PRO A 162 -5.58 -7.94 23.56
CA PRO A 162 -4.95 -8.20 22.26
C PRO A 162 -5.54 -7.41 21.09
N LEU A 163 -6.85 -7.54 20.90
CA LEU A 163 -7.52 -6.91 19.76
C LEU A 163 -7.46 -5.39 19.84
N ARG A 164 -7.81 -4.83 20.99
CA ARG A 164 -7.86 -3.38 21.15
C ARG A 164 -6.47 -2.77 21.00
N SER A 165 -5.48 -3.32 21.71
CA SER A 165 -4.15 -2.73 21.68
C SER A 165 -3.39 -3.12 20.42
N LEU A 166 -4.00 -3.91 19.54
CA LEU A 166 -3.29 -4.35 18.34
C LEU A 166 -3.85 -3.84 17.02
N ARG A 167 -5.16 -3.68 16.90
CA ARG A 167 -5.70 -3.33 15.59
C ARG A 167 -5.97 -1.82 15.50
N TRP A 168 -4.88 -1.10 15.25
CA TRP A 168 -4.90 0.34 15.08
C TRP A 168 -3.65 0.74 14.29
N GLY A 169 -3.53 2.04 14.03
CA GLY A 169 -2.29 2.57 13.50
C GLY A 169 -1.34 2.93 14.63
N ARG A 170 -0.27 2.18 14.80
CA ARG A 170 0.50 2.21 16.04
C ARG A 170 1.99 2.27 15.77
N ALA A 171 2.41 3.11 14.82
CA ALA A 171 3.82 3.39 14.62
C ALA A 171 4.22 4.78 15.11
N ARG A 172 3.47 5.81 14.74
CA ARG A 172 3.74 7.16 15.26
C ARG A 172 3.56 7.20 16.76
N TYR A 173 2.69 6.36 17.33
CA TYR A 173 2.59 6.27 18.77
C TYR A 173 3.89 5.78 19.39
N ALA A 174 4.50 4.76 18.78
CA ALA A 174 5.79 4.27 19.27
C ALA A 174 6.87 5.33 19.13
N ARG A 175 6.88 6.05 18.01
CA ARG A 175 7.87 7.11 17.83
C ARG A 175 7.69 8.22 18.86
N ARG A 176 6.45 8.61 19.14
CA ARG A 176 6.17 9.61 20.15
C ARG A 176 6.61 9.15 21.54
N VAL A 177 6.34 7.89 21.86
CA VAL A 177 6.73 7.35 23.17
C VAL A 177 8.25 7.34 23.30
N ALA A 178 8.94 6.93 22.24
CA ALA A 178 10.41 6.91 22.27
C ALA A 178 10.98 8.31 22.45
N GLY A 179 10.45 9.28 21.71
CA GLY A 179 10.93 10.65 21.86
C GLY A 179 10.67 11.21 23.24
N ALA A 180 9.48 10.94 23.79
CA ALA A 180 9.16 11.40 25.13
C ALA A 180 10.08 10.77 26.17
N VAL A 181 10.40 9.49 26.00
CA VAL A 181 11.31 8.82 26.93
C VAL A 181 12.70 9.42 26.85
N TRP A 182 13.19 9.68 25.63
CA TRP A 182 14.51 10.30 25.47
C TRP A 182 14.56 11.66 26.14
N VAL A 183 13.53 12.49 25.89
CA VAL A 183 13.51 13.84 26.45
C VAL A 183 13.43 13.78 27.97
N LEU A 184 12.58 12.90 28.50
CA LEU A 184 12.42 12.79 29.94
C LEU A 184 13.71 12.35 30.62
N VAL A 185 14.39 11.35 30.05
CA VAL A 185 15.61 10.87 30.69
C VAL A 185 16.73 11.91 30.56
N LEU A 186 16.77 12.67 29.47
CA LEU A 186 17.78 13.72 29.36
C LEU A 186 17.53 14.82 30.38
N ALA A 187 16.27 15.25 30.53
CA ALA A 187 15.96 16.27 31.52
C ALA A 187 16.17 15.77 32.94
N CYS A 188 16.00 14.46 33.17
CA CYS A 188 16.19 13.91 34.50
C CYS A 188 17.67 13.75 34.85
N GLN A 189 18.51 13.40 33.88
CA GLN A 189 19.93 13.19 34.13
C GLN A 189 20.77 14.43 33.86
N ALA A 190 20.16 15.53 33.43
CA ALA A 190 20.90 16.79 33.31
C ALA A 190 21.61 17.25 34.58
N PRO A 191 21.03 17.16 35.79
CA PRO A 191 21.75 17.68 36.97
C PRO A 191 23.08 17.03 37.27
N VAL A 192 23.33 15.81 36.78
CA VAL A 192 24.63 15.20 37.06
C VAL A 192 25.75 15.92 36.32
N LEU A 193 25.43 16.63 35.23
CA LEU A 193 26.42 17.46 34.55
C LEU A 193 26.89 18.59 35.47
N TYR A 194 25.96 19.20 36.20
CA TYR A 194 26.33 20.20 37.19
C TYR A 194 27.04 19.55 38.38
N PHE A 195 26.58 18.37 38.79
CA PHE A 195 27.04 17.79 40.05
C PHE A 195 28.47 17.27 39.94
N VAL A 196 28.80 16.57 38.85
CA VAL A 196 30.11 15.92 38.74
C VAL A 196 31.19 16.99 38.57
N THR A 197 32.30 16.79 39.26
CA THR A 197 33.46 17.68 39.13
C THR A 197 34.71 16.86 39.39
N THR A 198 35.85 17.53 39.53
CA THR A 198 37.12 16.91 39.85
C THR A 198 37.75 17.62 41.04
N SER A 199 38.58 16.88 41.80
CA SER A 199 39.23 17.43 42.97
C SER A 199 40.48 16.62 43.28
N ALA A 200 41.60 17.31 43.50
CA ALA A 200 42.87 16.65 43.77
C ALA A 200 42.99 16.29 45.23
N ARG A 201 43.73 15.20 45.51
CA ARG A 201 43.94 14.73 46.88
C ARG A 201 45.44 14.57 47.11
N GLY A 202 46.10 15.67 47.50
CA GLY A 202 47.51 15.66 47.83
C GLY A 202 48.41 15.11 46.73
N GLY A 203 48.12 15.51 45.49
CA GLY A 203 48.80 14.93 44.34
C GLY A 203 48.06 13.80 43.67
N ARG A 204 46.85 13.49 44.12
CA ARG A 204 46.00 12.46 43.52
C ARG A 204 44.71 13.13 43.06
N VAL A 205 44.62 13.46 41.78
CA VAL A 205 43.43 14.08 41.23
C VAL A 205 42.48 12.98 40.74
N THR A 206 41.23 13.07 41.19
CA THR A 206 40.25 12.06 40.82
C THR A 206 38.96 12.70 40.36
N CYS A 207 38.19 11.97 39.56
CA CYS A 207 36.91 12.45 39.07
C CYS A 207 35.80 11.86 39.93
N HIS A 208 34.84 12.71 40.30
CA HIS A 208 33.80 12.32 41.24
C HIS A 208 32.63 11.72 40.47
N ASP A 209 32.34 10.44 40.73
CA ASP A 209 31.11 9.84 40.22
C ASP A 209 29.90 10.47 40.91
N THR A 210 30.05 10.83 42.17
CA THR A 210 29.05 11.62 42.89
C THR A 210 29.40 13.10 42.73
N SER A 211 28.81 13.94 43.56
CA SER A 211 29.09 15.37 43.52
C SER A 211 30.45 15.66 44.15
N ALA A 212 30.73 16.96 44.31
CA ALA A 212 31.87 17.37 45.12
C ALA A 212 31.60 17.04 46.59
N PRO A 213 32.65 16.82 47.38
CA PRO A 213 32.45 16.41 48.78
C PRO A 213 31.69 17.43 49.63
N GLU A 214 31.58 18.69 49.20
CA GLU A 214 30.90 19.67 50.02
C GLU A 214 29.40 19.70 49.77
N LEU A 215 28.96 19.54 48.51
CA LEU A 215 27.54 19.50 48.20
C LEU A 215 27.06 18.05 48.04
N PHE A 216 27.24 17.28 49.11
CA PHE A 216 26.85 15.87 49.09
C PHE A 216 25.43 15.62 49.55
N SER A 217 24.89 16.49 50.41
CA SER A 217 23.52 16.30 50.88
C SER A 217 22.52 16.51 49.75
N ARG A 218 22.71 17.55 48.95
CA ARG A 218 21.81 17.79 47.83
C ARG A 218 21.94 16.68 46.79
N PHE A 219 23.15 16.19 46.56
CA PHE A 219 23.31 15.07 45.63
C PHE A 219 22.65 13.81 46.16
N VAL A 220 22.73 13.57 47.47
CA VAL A 220 22.08 12.39 48.04
C VAL A 220 20.57 12.49 47.90
N ALA A 221 20.00 13.68 48.15
CA ALA A 221 18.57 13.87 47.97
C ALA A 221 18.16 13.66 46.51
N TYR A 222 18.93 14.24 45.57
CA TYR A 222 18.62 14.09 44.16
C TYR A 222 18.76 12.64 43.71
N SER A 223 19.78 11.94 44.22
CA SER A 223 19.99 10.55 43.87
C SER A 223 18.87 9.67 44.41
N SER A 224 18.39 9.95 45.62
CA SER A 224 17.26 9.20 46.15
C SER A 224 16.00 9.45 45.32
N VAL A 225 15.76 10.70 44.93
CA VAL A 225 14.59 11.01 44.10
C VAL A 225 14.68 10.30 42.76
N MET A 226 15.85 10.34 42.13
CA MET A 226 16.04 9.69 40.84
C MET A 226 15.97 8.19 40.96
N LEU A 227 16.52 7.63 42.04
CA LEU A 227 16.44 6.19 42.28
C LEU A 227 14.98 5.76 42.35
N GLY A 228 14.19 6.44 43.18
CA GLY A 228 12.77 6.19 43.23
C GLY A 228 12.12 6.24 41.86
N LEU A 229 12.14 7.43 41.24
CA LEU A 229 11.36 7.65 40.02
C LEU A 229 11.81 6.74 38.87
N LEU A 230 13.12 6.55 38.69
CA LEU A 230 13.63 5.86 37.52
C LEU A 230 14.02 4.40 37.79
N PHE A 231 13.83 3.89 39.00
CA PHE A 231 14.03 2.47 39.24
C PHE A 231 12.79 1.80 39.81
N ALA A 232 12.21 2.35 40.88
CA ALA A 232 11.14 1.64 41.56
C ALA A 232 9.90 1.51 40.68
N VAL A 233 9.50 2.59 40.01
CA VAL A 233 8.36 2.56 39.10
C VAL A 233 8.65 1.67 37.90
N PRO A 234 9.77 1.79 37.18
CA PRO A 234 10.01 0.87 36.06
C PRO A 234 10.14 -0.59 36.47
N PHE A 235 10.83 -0.87 37.58
CA PHE A 235 10.98 -2.25 38.04
C PHE A 235 9.63 -2.85 38.40
N ALA A 236 8.81 -2.11 39.15
CA ALA A 236 7.50 -2.61 39.54
C ALA A 236 6.59 -2.79 38.34
N VAL A 237 6.64 -1.85 37.39
CA VAL A 237 5.81 -1.96 36.19
C VAL A 237 6.21 -3.18 35.36
N ILE A 238 7.52 -3.40 35.19
CA ILE A 238 7.99 -4.56 34.44
C ILE A 238 7.56 -5.85 35.12
N LEU A 239 7.74 -5.92 36.44
CA LEU A 239 7.40 -7.13 37.18
C LEU A 239 5.90 -7.44 37.10
N VAL A 240 5.07 -6.41 37.32
CA VAL A 240 3.62 -6.61 37.26
C VAL A 240 3.20 -7.01 35.86
N CYS A 241 3.73 -6.34 34.84
CA CYS A 241 3.36 -6.64 33.46
C CYS A 241 3.71 -8.08 33.10
N TYR A 242 4.92 -8.52 33.44
CA TYR A 242 5.34 -9.87 33.05
C TYR A 242 4.60 -10.93 33.85
N VAL A 243 4.35 -10.69 35.14
CA VAL A 243 3.62 -11.66 35.95
C VAL A 243 2.19 -11.81 35.44
N LEU A 244 1.50 -10.70 35.18
CA LEU A 244 0.13 -10.76 34.69
C LEU A 244 0.07 -11.40 33.31
N MET A 245 1.03 -11.09 32.44
CA MET A 245 1.00 -11.61 31.08
C MET A 245 1.27 -13.11 31.08
N ALA A 246 2.21 -13.57 31.91
CA ALA A 246 2.44 -15.01 32.04
C ALA A 246 1.22 -15.70 32.63
N ARG A 247 0.57 -15.07 33.61
CA ARG A 247 -0.64 -15.65 34.21
C ARG A 247 -1.73 -15.82 33.16
N ARG A 248 -1.85 -14.86 32.25
CA ARG A 248 -2.83 -14.98 31.19
C ARG A 248 -2.41 -16.09 30.23
N LEU A 249 -1.12 -16.15 29.90
CA LEU A 249 -0.66 -17.12 28.93
C LEU A 249 -0.81 -18.55 29.44
N LEU A 250 -0.82 -18.74 30.77
CA LEU A 250 -0.97 -20.10 31.29
C LEU A 250 -2.38 -20.62 31.15
N LYS A 251 -3.36 -19.74 30.93
CA LYS A 251 -4.76 -20.17 30.82
C LYS A 251 -5.00 -20.85 29.48
N PRO A 252 -5.55 -22.07 29.47
CA PRO A 252 -5.79 -22.75 28.19
C PRO A 252 -7.03 -22.22 27.49
N ALA A 253 -7.15 -22.57 26.21
CA ALA A 253 -8.27 -22.14 25.38
C ALA A 253 -9.48 -23.04 25.63
N TYR A 254 -10.50 -22.93 24.80
CA TYR A 254 -11.70 -23.75 24.95
C TYR A 254 -11.64 -25.00 24.07
N GLY A 255 -11.39 -24.83 22.77
CA GLY A 255 -11.42 -25.94 21.84
C GLY A 255 -10.05 -26.56 21.65
N THR A 256 -9.15 -26.33 22.59
CA THR A 256 -7.79 -26.83 22.51
C THR A 256 -7.75 -28.33 22.81
N SER A 257 -6.70 -28.98 22.32
CA SER A 257 -6.46 -30.39 22.55
C SER A 257 -5.02 -30.59 22.99
N GLY A 258 -4.82 -31.52 23.92
CA GLY A 258 -3.50 -31.75 24.47
C GLY A 258 -3.13 -30.70 25.50
N GLY A 259 -1.83 -30.56 25.71
CA GLY A 259 -1.31 -29.62 26.69
C GLY A 259 -1.24 -28.22 26.14
N LEU A 260 -0.48 -27.38 26.84
CA LEU A 260 -0.29 -26.00 26.40
C LEU A 260 0.51 -25.98 25.10
N PRO A 261 0.19 -25.05 24.18
CA PRO A 261 0.99 -24.95 22.96
C PRO A 261 2.43 -24.58 23.26
N ARG A 262 3.33 -25.02 22.38
CA ARG A 262 4.75 -24.75 22.57
C ARG A 262 5.03 -23.25 22.54
N ALA A 263 4.26 -22.50 21.76
CA ALA A 263 4.41 -21.05 21.73
C ALA A 263 4.10 -20.44 23.09
N LYS A 264 2.96 -20.82 23.67
CA LYS A 264 2.52 -20.25 24.94
C LYS A 264 3.36 -20.72 26.13
N ARG A 265 4.21 -21.73 25.94
CA ARG A 265 5.13 -22.16 26.98
C ARG A 265 6.51 -21.54 26.83
N LYS A 266 7.04 -21.47 25.61
CA LYS A 266 8.31 -20.79 25.40
C LYS A 266 8.19 -19.29 25.62
N SER A 267 7.00 -18.72 25.40
CA SER A 267 6.81 -17.31 25.73
C SER A 267 6.92 -17.07 27.23
N VAL A 268 6.32 -17.96 28.03
CA VAL A 268 6.44 -17.84 29.49
C VAL A 268 7.88 -18.06 29.93
N ARG A 269 8.58 -18.99 29.28
CA ARG A 269 9.99 -19.20 29.59
C ARG A 269 10.82 -17.96 29.32
N THR A 270 10.58 -17.30 28.18
CA THR A 270 11.31 -16.07 27.86
C THR A 270 10.92 -14.94 28.82
N ILE A 271 9.65 -14.88 29.22
CA ILE A 271 9.21 -13.89 30.21
C ILE A 271 10.00 -14.05 31.50
N ALA A 272 10.06 -15.29 32.00
CA ALA A 272 10.78 -15.56 33.24
C ALA A 272 12.26 -15.26 33.10
N VAL A 273 12.87 -15.63 31.98
CA VAL A 273 14.29 -15.40 31.78
C VAL A 273 14.59 -13.90 31.73
N VAL A 274 13.78 -13.14 31.00
CA VAL A 274 14.00 -11.70 30.89
C VAL A 274 13.84 -11.02 32.24
N LEU A 275 12.79 -11.39 32.98
CA LEU A 275 12.55 -10.78 34.28
C LEU A 275 13.68 -11.10 35.26
N ALA A 276 14.12 -12.36 35.28
CA ALA A 276 15.20 -12.75 36.19
C ALA A 276 16.51 -12.06 35.82
N VAL A 277 16.82 -11.95 34.53
CA VAL A 277 18.04 -11.28 34.11
C VAL A 277 18.00 -9.81 34.50
N PHE A 278 16.86 -9.15 34.28
CA PHE A 278 16.72 -7.75 34.67
C PHE A 278 16.91 -7.57 36.17
N ALA A 279 16.27 -8.43 36.96
CA ALA A 279 16.37 -8.33 38.41
C ALA A 279 17.82 -8.53 38.87
N LEU A 280 18.46 -9.59 38.40
CA LEU A 280 19.84 -9.88 38.79
C LEU A 280 20.78 -8.77 38.36
N CYS A 281 20.54 -8.16 37.20
CA CYS A 281 21.45 -7.12 36.71
C CYS A 281 21.26 -5.80 37.44
N PHE A 282 20.04 -5.46 37.85
CA PHE A 282 19.81 -4.09 38.33
C PHE A 282 19.45 -3.98 39.80
N LEU A 283 18.71 -4.91 40.38
CA LEU A 283 18.28 -4.74 41.77
C LEU A 283 19.43 -4.74 42.78
N PRO A 284 20.38 -5.69 42.76
CA PRO A 284 21.50 -5.59 43.72
C PRO A 284 22.33 -4.33 43.52
N PHE A 285 22.53 -3.89 42.28
CA PHE A 285 23.30 -2.67 42.03
C PHE A 285 22.63 -1.48 42.70
N HIS A 286 21.32 -1.34 42.55
CA HIS A 286 20.63 -0.17 43.08
C HIS A 286 20.53 -0.22 44.60
N VAL A 287 20.29 -1.41 45.17
CA VAL A 287 20.22 -1.47 46.63
C VAL A 287 21.59 -1.24 47.26
N THR A 288 22.65 -1.74 46.62
CA THR A 288 24.00 -1.49 47.12
C THR A 288 24.35 -0.01 47.01
N ARG A 289 23.95 0.65 45.92
CA ARG A 289 24.21 2.08 45.81
C ARG A 289 23.43 2.88 46.84
N THR A 290 22.21 2.47 47.15
CA THR A 290 21.42 3.17 48.16
C THR A 290 22.06 3.02 49.53
N LEU A 291 22.47 1.80 49.89
CA LEU A 291 23.14 1.59 51.17
C LEU A 291 24.46 2.34 51.21
N TYR A 292 25.20 2.36 50.11
CA TYR A 292 26.49 3.04 50.04
C TYR A 292 26.32 4.54 50.31
N TYR A 293 25.37 5.17 49.61
CA TYR A 293 25.17 6.61 49.81
C TYR A 293 24.62 6.91 51.20
N SER A 294 23.70 6.08 51.71
CA SER A 294 23.13 6.31 53.03
C SER A 294 24.19 6.19 54.13
N PHE A 295 25.06 5.18 54.04
CA PHE A 295 26.08 4.99 55.05
C PHE A 295 27.26 5.94 54.86
N ARG A 296 27.41 6.52 53.66
CA ARG A 296 28.36 7.61 53.52
C ARG A 296 27.83 8.88 54.17
N SER A 297 26.53 9.14 54.02
CA SER A 297 25.93 10.30 54.68
C SER A 297 25.96 10.16 56.19
N LEU A 298 25.61 8.97 56.70
CA LEU A 298 25.62 8.70 58.14
C LEU A 298 26.73 7.68 58.38
N ASP A 299 27.86 8.15 58.91
CA ASP A 299 29.06 7.33 58.97
C ASP A 299 28.98 6.28 60.07
N LEU A 300 29.78 5.22 59.90
CA LEU A 300 29.89 4.14 60.87
C LEU A 300 31.37 3.79 61.01
N SER A 301 31.65 2.66 61.64
CA SER A 301 33.03 2.18 61.75
C SER A 301 33.57 1.81 60.36
N CYS A 302 34.91 1.82 60.26
CA CYS A 302 35.57 1.64 58.97
C CYS A 302 35.21 0.31 58.30
N HIS A 303 34.95 -0.73 59.10
CA HIS A 303 34.65 -2.04 58.53
C HIS A 303 33.36 -2.02 57.72
N THR A 304 32.32 -1.35 58.24
CA THR A 304 31.05 -1.31 57.53
C THR A 304 31.15 -0.54 56.22
N LEU A 305 31.85 0.60 56.23
CA LEU A 305 32.00 1.37 55.01
C LEU A 305 32.85 0.62 53.98
N ASN A 306 33.90 -0.06 54.44
CA ASN A 306 34.68 -0.88 53.52
C ASN A 306 33.84 -2.00 52.92
N ALA A 307 33.00 -2.64 53.75
CA ALA A 307 32.16 -3.73 53.27
C ALA A 307 31.13 -3.25 52.24
N ILE A 308 30.47 -2.13 52.52
CA ILE A 308 29.48 -1.64 51.57
C ILE A 308 30.15 -1.14 50.29
N ASN A 309 31.35 -0.56 50.40
CA ASN A 309 32.12 -0.22 49.20
C ASN A 309 32.40 -1.45 48.36
N MET A 310 32.85 -2.53 49.01
CA MET A 310 33.13 -3.77 48.29
C MET A 310 31.88 -4.28 47.60
N ALA A 311 30.76 -4.31 48.32
CA ALA A 311 29.52 -4.83 47.74
C ALA A 311 29.07 -4.01 46.54
N TYR A 312 29.06 -2.68 46.67
CA TYR A 312 28.57 -1.83 45.59
C TYR A 312 29.47 -1.94 44.36
N LYS A 313 30.79 -1.93 44.55
CA LYS A 313 31.66 -1.93 43.39
C LYS A 313 31.92 -3.33 42.84
N VAL A 314 31.42 -4.39 43.49
CA VAL A 314 31.33 -5.68 42.81
C VAL A 314 29.95 -5.92 42.20
N THR A 315 28.92 -5.17 42.62
CA THR A 315 27.64 -5.25 41.91
C THR A 315 27.60 -4.37 40.66
N ARG A 316 28.48 -3.37 40.58
CA ARG A 316 28.57 -2.55 39.36
C ARG A 316 28.75 -3.35 38.07
N PRO A 317 29.61 -4.39 38.00
CA PRO A 317 29.73 -5.13 36.72
C PRO A 317 28.44 -5.76 36.22
N LEU A 318 27.52 -6.15 37.09
CA LEU A 318 26.27 -6.74 36.62
C LEU A 318 25.39 -5.71 35.91
N ALA A 319 25.24 -4.53 36.52
CA ALA A 319 24.51 -3.46 35.86
C ALA A 319 25.20 -3.03 34.58
N SER A 320 26.53 -3.09 34.54
CA SER A 320 27.23 -2.83 33.29
C SER A 320 26.94 -3.89 32.24
N ALA A 321 26.90 -5.17 32.65
CA ALA A 321 26.78 -6.28 31.73
C ALA A 321 25.37 -6.49 31.20
N ASN A 322 24.38 -5.88 31.85
CA ASN A 322 23.01 -5.93 31.30
C ASN A 322 22.97 -5.38 29.87
N SER A 323 23.80 -4.36 29.58
CA SER A 323 23.77 -3.73 28.28
C SER A 323 24.19 -4.69 27.17
N CYS A 324 25.26 -5.47 27.41
CA CYS A 324 25.66 -6.46 26.41
C CYS A 324 24.76 -7.69 26.43
N LEU A 325 24.14 -7.99 27.58
CA LEU A 325 23.24 -9.14 27.63
C LEU A 325 21.91 -8.88 26.91
N ASN A 326 21.51 -7.62 26.78
CA ASN A 326 20.20 -7.32 26.19
C ASN A 326 20.03 -7.81 24.76
N PRO A 327 20.96 -7.58 23.81
CA PRO A 327 20.73 -8.11 22.45
C PRO A 327 20.63 -9.62 22.39
N VAL A 328 21.41 -10.35 23.20
CA VAL A 328 21.33 -11.80 23.20
C VAL A 328 19.96 -12.26 23.69
N LEU A 329 19.49 -11.64 24.78
CA LEU A 329 18.21 -12.02 25.36
C LEU A 329 17.05 -11.71 24.41
N TYR A 330 17.12 -10.58 23.72
CA TYR A 330 16.04 -10.20 22.82
C TYR A 330 16.22 -10.76 21.41
N PHE A 331 17.31 -11.48 21.15
CA PHE A 331 17.44 -12.28 19.94
C PHE A 331 17.01 -13.73 20.16
N LEU A 332 17.29 -14.28 21.34
CA LEU A 332 16.91 -15.65 21.66
C LEU A 332 15.40 -15.73 21.77
N THR B 1 4.45 22.10 -8.36
CA THR B 1 4.74 23.06 -7.30
C THR B 1 5.28 24.35 -7.90
N LEU B 2 6.00 24.23 -9.02
CA LEU B 2 6.52 25.40 -9.69
C LEU B 2 5.44 26.23 -10.38
N SER B 3 4.23 25.68 -10.54
CA SER B 3 3.11 26.39 -11.15
C SER B 3 1.94 26.43 -10.17
N ALA B 4 1.07 27.42 -10.36
CA ALA B 4 -0.10 27.55 -9.49
C ALA B 4 -1.04 26.35 -9.63
N GLU B 5 -1.28 25.91 -10.87
CA GLU B 5 -2.12 24.74 -11.08
C GLU B 5 -1.47 23.47 -10.56
N ASP B 6 -0.15 23.36 -10.72
CA ASP B 6 0.57 22.23 -10.15
C ASP B 6 0.52 22.25 -8.62
N LYS B 7 0.62 23.45 -8.03
CA LYS B 7 0.46 23.57 -6.58
C LYS B 7 -0.91 23.10 -6.14
N ALA B 8 -1.96 23.49 -6.88
CA ALA B 8 -3.31 23.09 -6.50
C ALA B 8 -3.53 21.59 -6.70
N ALA B 9 -2.92 21.01 -7.74
CA ALA B 9 -3.02 19.58 -7.95
C ALA B 9 -2.32 18.79 -6.85
N VAL B 10 -1.12 19.23 -6.45
CA VAL B 10 -0.42 18.59 -5.35
C VAL B 10 -1.22 18.73 -4.06
N GLU B 11 -1.83 19.90 -3.86
CA GLU B 11 -2.65 20.12 -2.67
C GLU B 11 -3.84 19.17 -2.66
N ARG B 12 -4.50 19.00 -3.82
CA ARG B 12 -5.60 18.06 -3.92
C ARG B 12 -5.15 16.65 -3.56
N SER B 13 -4.07 16.19 -4.19
CA SER B 13 -3.59 14.83 -3.98
C SER B 13 -3.22 14.57 -2.53
N LYS B 14 -2.55 15.54 -1.88
CA LYS B 14 -2.05 15.36 -0.54
C LYS B 14 -3.07 15.70 0.55
N MET B 15 -4.15 16.40 0.21
CA MET B 15 -5.09 16.86 1.22
C MET B 15 -6.46 16.19 1.14
N GLY B 16 -6.99 15.93 -0.04
CA GLY B 16 -8.28 15.27 -0.11
C GLY B 16 -8.16 13.77 -0.26
N ILE B 17 -7.45 13.33 -1.30
CA ILE B 17 -7.40 11.91 -1.65
C ILE B 17 -6.70 11.12 -0.56
N GLU B 18 -5.57 11.62 -0.08
CA GLU B 18 -4.87 10.93 1.01
C GLU B 18 -5.68 10.95 2.29
N LYS B 19 -6.48 12.00 2.51
CA LYS B 19 -7.36 12.04 3.67
C LYS B 19 -8.40 10.92 3.60
N ASN B 20 -9.05 10.75 2.44
CA ASN B 20 -10.00 9.64 2.32
C ASN B 20 -9.30 8.29 2.43
N LEU B 21 -8.09 8.17 1.88
CA LEU B 21 -7.36 6.92 1.99
C LEU B 21 -7.06 6.58 3.45
N LYS B 22 -6.62 7.57 4.22
CA LYS B 22 -6.34 7.34 5.63
C LYS B 22 -7.60 7.01 6.42
N GLU B 23 -8.70 7.71 6.13
CA GLU B 23 -9.96 7.40 6.82
C GLU B 23 -10.44 6.00 6.48
N ASP B 24 -10.33 5.59 5.22
CA ASP B 24 -10.72 4.24 4.83
C ASP B 24 -9.83 3.19 5.48
N GLY B 25 -8.52 3.46 5.58
CA GLY B 25 -7.64 2.54 6.27
C GLY B 25 -7.93 2.43 7.75
N ILE B 26 -8.29 3.55 8.38
CA ILE B 26 -8.67 3.52 9.79
C ILE B 26 -9.95 2.72 9.97
N SER B 27 -10.95 2.93 9.12
CA SER B 27 -12.22 2.24 9.26
C SER B 27 -12.14 0.78 8.81
N ALA B 28 -11.11 0.41 8.05
CA ALA B 28 -10.98 -0.96 7.56
C ALA B 28 -10.17 -1.86 8.48
N ALA B 29 -9.58 -1.32 9.54
CA ALA B 29 -8.82 -2.13 10.48
C ALA B 29 -9.66 -2.61 11.66
N LYS B 30 -10.92 -2.19 11.74
CA LYS B 30 -11.81 -2.63 12.82
C LYS B 30 -12.44 -3.98 12.51
N ASP B 31 -12.37 -4.44 11.26
CA ASP B 31 -13.10 -5.63 10.85
C ASP B 31 -12.25 -6.89 10.99
N VAL B 32 -12.94 -8.03 11.08
CA VAL B 32 -12.31 -9.34 11.18
C VAL B 32 -12.74 -10.15 9.97
N LYS B 33 -11.78 -10.61 9.18
CA LYS B 33 -12.05 -11.37 7.96
C LYS B 33 -11.94 -12.85 8.26
N LEU B 34 -13.02 -13.60 8.03
CA LEU B 34 -13.07 -15.02 8.31
C LEU B 34 -13.51 -15.77 7.07
N LEU B 35 -12.77 -16.81 6.71
CA LEU B 35 -13.15 -17.68 5.60
C LEU B 35 -14.06 -18.79 6.09
N LEU B 36 -15.13 -19.04 5.35
CA LEU B 36 -16.14 -20.03 5.72
C LEU B 36 -16.07 -21.19 4.73
N LEU B 37 -15.83 -22.40 5.24
CA LEU B 37 -15.70 -23.59 4.43
C LEU B 37 -16.55 -24.70 5.00
N GLY B 38 -16.83 -25.70 4.17
CA GLY B 38 -17.65 -26.81 4.59
C GLY B 38 -18.13 -27.60 3.40
N ALA B 39 -19.14 -28.43 3.65
CA ALA B 39 -19.75 -29.28 2.62
C ALA B 39 -21.16 -28.80 2.35
N ASP B 40 -21.80 -29.42 1.35
CA ASP B 40 -23.19 -29.12 1.04
C ASP B 40 -24.10 -29.69 2.12
N ASN B 41 -25.04 -28.86 2.59
CA ASN B 41 -25.96 -29.22 3.67
C ASN B 41 -25.20 -29.63 4.93
N SER B 42 -24.08 -28.95 5.19
CA SER B 42 -23.26 -29.19 6.37
C SER B 42 -23.48 -28.17 7.47
N GLY B 43 -24.49 -27.32 7.33
CA GLY B 43 -24.74 -26.26 8.29
C GLY B 43 -23.98 -24.99 8.06
N LYS B 44 -23.11 -24.94 7.04
CA LYS B 44 -22.32 -23.75 6.77
C LYS B 44 -23.22 -22.55 6.46
N SER B 45 -24.25 -22.76 5.65
CA SER B 45 -25.21 -21.70 5.38
C SER B 45 -26.10 -21.41 6.58
N THR B 46 -26.49 -22.43 7.33
CA THR B 46 -27.45 -22.22 8.41
C THR B 46 -26.83 -21.58 9.64
N ILE B 47 -25.50 -21.58 9.78
CA ILE B 47 -24.89 -20.87 10.90
C ILE B 47 -24.67 -19.42 10.51
N VAL B 48 -24.27 -19.18 9.26
CA VAL B 48 -24.02 -17.81 8.84
C VAL B 48 -25.34 -17.05 8.72
N LYS B 49 -26.42 -17.74 8.34
CA LYS B 49 -27.74 -17.12 8.37
C LYS B 49 -28.26 -16.91 9.79
N GLN B 50 -27.88 -17.78 10.72
CA GLN B 50 -28.29 -17.59 12.11
C GLN B 50 -27.61 -16.39 12.73
N MET B 51 -26.31 -16.22 12.49
CA MET B 51 -25.63 -15.00 12.90
C MET B 51 -26.19 -13.78 12.18
N LYS B 52 -26.44 -13.90 10.88
CA LYS B 52 -27.03 -12.80 10.13
C LYS B 52 -28.55 -12.79 10.31
N GLY B 66 -20.87 -16.63 -7.63
CA GLY B 66 -19.94 -15.62 -7.16
C GLY B 66 -19.52 -15.83 -5.72
N ILE B 67 -19.17 -14.74 -5.05
CA ILE B 67 -18.78 -14.77 -3.64
C ILE B 67 -19.93 -14.21 -2.80
N VAL B 68 -20.18 -14.84 -1.66
CA VAL B 68 -21.21 -14.42 -0.73
C VAL B 68 -20.51 -13.82 0.48
N GLU B 69 -20.69 -12.52 0.68
CA GLU B 69 -20.06 -11.79 1.77
C GLU B 69 -21.10 -11.50 2.83
N THR B 70 -20.89 -12.02 4.03
CA THR B 70 -21.79 -11.80 5.16
C THR B 70 -21.01 -11.13 6.29
N HIS B 71 -21.60 -10.11 6.89
CA HIS B 71 -20.93 -9.35 7.94
C HIS B 71 -21.90 -9.08 9.08
N PHE B 72 -21.35 -9.03 10.29
CA PHE B 72 -22.12 -8.70 11.49
C PHE B 72 -21.15 -8.21 12.57
N THR B 73 -21.71 -7.53 13.57
CA THR B 73 -20.94 -7.01 14.69
C THR B 73 -21.46 -7.64 15.98
N PHE B 74 -20.53 -8.14 16.80
CA PHE B 74 -20.89 -8.87 18.02
C PHE B 74 -20.40 -8.19 19.28
N LYS B 75 -19.11 -7.90 19.39
CA LYS B 75 -18.51 -7.38 20.62
C LYS B 75 -17.57 -6.22 20.28
N ASN B 76 -18.09 -5.26 19.52
CA ASN B 76 -17.31 -4.19 18.90
C ASN B 76 -16.30 -4.74 17.90
N LEU B 77 -16.58 -5.91 17.36
CA LEU B 77 -15.79 -6.53 16.30
C LEU B 77 -16.68 -6.69 15.08
N HIS B 78 -16.19 -6.27 13.92
CA HIS B 78 -16.96 -6.36 12.68
C HIS B 78 -16.50 -7.62 11.94
N PHE B 79 -17.15 -8.73 12.22
CA PHE B 79 -16.81 -9.98 11.55
C PHE B 79 -17.33 -9.96 10.12
N ARG B 80 -16.55 -10.54 9.20
CA ARG B 80 -16.91 -10.62 7.79
C ARG B 80 -16.68 -12.06 7.33
N LEU B 81 -17.77 -12.80 7.17
CA LEU B 81 -17.70 -14.19 6.75
C LEU B 81 -17.84 -14.26 5.23
N PHE B 82 -16.83 -14.82 4.56
CA PHE B 82 -16.81 -14.92 3.11
C PHE B 82 -17.12 -16.36 2.72
N ASP B 83 -18.37 -16.60 2.32
CA ASP B 83 -18.77 -17.92 1.87
C ASP B 83 -18.40 -18.05 0.40
N VAL B 84 -17.39 -18.88 0.13
CA VAL B 84 -16.86 -19.05 -1.22
C VAL B 84 -17.39 -20.32 -1.89
N GLY B 85 -18.39 -20.97 -1.28
CA GLY B 85 -18.92 -22.21 -1.81
C GLY B 85 -19.58 -22.08 -3.17
N GLY B 86 -19.94 -20.86 -3.57
CA GLY B 86 -20.51 -20.64 -4.88
C GLY B 86 -19.50 -20.68 -6.02
N GLN B 87 -18.21 -20.68 -5.70
CA GLN B 87 -17.17 -20.75 -6.73
C GLN B 87 -17.02 -22.19 -7.19
N ARG B 88 -17.38 -22.45 -8.45
CA ARG B 88 -17.23 -23.76 -9.05
C ARG B 88 -15.92 -23.94 -9.79
N SER B 89 -15.04 -22.94 -9.72
CA SER B 89 -13.77 -22.97 -10.44
C SER B 89 -12.71 -23.71 -9.60
N GLU B 90 -11.47 -23.67 -10.06
CA GLU B 90 -10.39 -24.33 -9.33
C GLU B 90 -10.09 -23.59 -8.04
N ARG B 91 -9.98 -24.35 -6.94
CA ARG B 91 -9.73 -23.74 -5.64
C ARG B 91 -8.32 -23.16 -5.55
N LYS B 92 -7.36 -23.78 -6.20
CA LYS B 92 -5.96 -23.35 -6.14
C LYS B 92 -5.68 -22.07 -6.93
N LYS B 93 -6.70 -21.40 -7.49
CA LYS B 93 -6.48 -20.16 -8.23
C LYS B 93 -6.97 -18.92 -7.50
N TRP B 94 -7.84 -19.07 -6.49
CA TRP B 94 -8.32 -17.93 -5.72
C TRP B 94 -8.12 -18.13 -4.22
N ILE B 95 -7.43 -19.19 -3.79
CA ILE B 95 -7.24 -19.43 -2.37
C ILE B 95 -6.25 -18.45 -1.76
N HIS B 96 -5.39 -17.82 -2.59
CA HIS B 96 -4.44 -16.85 -2.09
C HIS B 96 -5.09 -15.51 -1.75
N CYS B 97 -6.30 -15.26 -2.24
CA CYS B 97 -6.99 -14.01 -1.93
C CYS B 97 -7.30 -13.92 -0.44
N PHE B 98 -7.67 -15.03 0.17
CA PHE B 98 -7.99 -15.06 1.60
C PHE B 98 -6.75 -15.42 2.43
N GLU B 99 -5.65 -14.71 2.18
CA GLU B 99 -4.42 -14.95 2.90
C GLU B 99 -4.43 -14.29 4.26
N ASP B 100 -4.94 -13.06 4.35
CA ASP B 100 -4.91 -12.28 5.57
C ASP B 100 -6.16 -12.44 6.41
N VAL B 101 -6.86 -13.57 6.27
CA VAL B 101 -8.01 -13.84 7.13
C VAL B 101 -7.52 -14.17 8.53
N THR B 102 -8.33 -13.81 9.53
CA THR B 102 -7.99 -14.11 10.92
C THR B 102 -7.98 -15.61 11.16
N ALA B 103 -8.97 -16.33 10.62
CA ALA B 103 -9.07 -17.76 10.81
C ALA B 103 -9.89 -18.35 9.67
N ILE B 104 -10.13 -19.66 9.76
CA ILE B 104 -10.97 -20.38 8.81
C ILE B 104 -12.01 -21.14 9.62
N ILE B 105 -13.28 -20.97 9.25
CA ILE B 105 -14.38 -21.65 9.91
C ILE B 105 -14.79 -22.83 9.04
N PHE B 106 -14.53 -24.04 9.53
CA PHE B 106 -14.79 -25.27 8.80
C PHE B 106 -15.95 -26.01 9.45
N CYS B 107 -16.98 -26.31 8.66
CA CYS B 107 -18.17 -26.98 9.15
C CYS B 107 -18.23 -28.41 8.61
N VAL B 108 -18.50 -29.35 9.51
CA VAL B 108 -18.52 -30.77 9.17
C VAL B 108 -19.81 -31.37 9.70
N ASP B 109 -20.54 -32.06 8.84
CA ASP B 109 -21.79 -32.72 9.22
C ASP B 109 -21.47 -34.10 9.77
N LEU B 110 -21.98 -34.39 10.96
CA LEU B 110 -21.76 -35.67 11.62
C LEU B 110 -22.86 -36.68 11.34
N SER B 111 -23.77 -36.39 10.41
CA SER B 111 -24.89 -37.29 10.17
C SER B 111 -24.48 -38.47 9.30
N ASP B 112 -23.84 -38.20 8.16
CA ASP B 112 -23.54 -39.23 7.18
C ASP B 112 -22.04 -39.49 7.13
N TYR B 113 -21.66 -40.51 6.35
CA TYR B 113 -20.30 -41.03 6.36
C TYR B 113 -19.53 -40.79 5.07
N ASN B 114 -20.19 -40.82 3.91
CA ASN B 114 -19.52 -40.48 2.66
C ASN B 114 -19.04 -39.03 2.70
N ARG B 115 -19.93 -38.11 3.07
CA ARG B 115 -19.52 -36.72 3.27
C ARG B 115 -18.55 -36.58 4.42
N MET B 116 -18.58 -37.49 5.40
CA MET B 116 -17.60 -37.45 6.47
C MET B 116 -16.19 -37.70 5.95
N HIS B 117 -16.04 -38.73 5.12
CA HIS B 117 -14.72 -39.03 4.55
C HIS B 117 -14.29 -37.94 3.56
N GLU B 118 -15.25 -37.41 2.79
CA GLU B 118 -14.95 -36.29 1.91
C GLU B 118 -14.48 -35.08 2.71
N SER B 119 -15.11 -34.83 3.87
CA SER B 119 -14.69 -33.73 4.73
C SER B 119 -13.33 -33.99 5.36
N LEU B 120 -13.01 -35.25 5.68
CA LEU B 120 -11.67 -35.58 6.14
C LEU B 120 -10.63 -35.22 5.07
N MET B 121 -10.89 -35.60 3.83
CA MET B 121 -9.96 -35.29 2.75
C MET B 121 -9.85 -33.78 2.54
N ASP B 122 -10.98 -33.07 2.59
CA ASP B 122 -10.98 -31.63 2.35
C ASP B 122 -10.27 -30.89 3.49
N PHE B 123 -10.49 -31.33 4.74
CA PHE B 123 -9.80 -30.74 5.88
C PHE B 123 -8.30 -30.98 5.80
N ASP B 124 -7.90 -32.19 5.35
CA ASP B 124 -6.48 -32.45 5.17
C ASP B 124 -5.89 -31.56 4.09
N SER B 125 -6.63 -31.34 3.00
CA SER B 125 -6.14 -30.46 1.93
C SER B 125 -6.02 -29.02 2.42
N ILE B 126 -7.01 -28.53 3.15
CA ILE B 126 -7.01 -27.15 3.60
C ILE B 126 -5.94 -26.91 4.66
N CYS B 127 -5.82 -27.84 5.62
CA CYS B 127 -4.96 -27.62 6.78
C CYS B 127 -3.49 -27.49 6.37
N ASN B 128 -3.05 -28.30 5.41
CA ASN B 128 -1.65 -28.35 5.02
C ASN B 128 -1.34 -27.47 3.81
N ASN B 129 -2.25 -26.59 3.42
CA ASN B 129 -1.98 -25.64 2.36
C ASN B 129 -0.89 -24.66 2.80
N LYS B 130 -0.06 -24.24 1.84
CA LYS B 130 1.07 -23.40 2.17
C LYS B 130 0.63 -22.00 2.59
N PHE B 131 -0.48 -21.50 2.05
CA PHE B 131 -0.97 -20.19 2.43
C PHE B 131 -1.63 -20.18 3.80
N PHE B 132 -1.91 -21.34 4.38
CA PHE B 132 -2.62 -21.45 5.65
C PHE B 132 -1.81 -22.22 6.69
N ILE B 133 -0.48 -22.16 6.60
CA ILE B 133 0.35 -22.87 7.58
C ILE B 133 0.23 -22.21 8.94
N ASP B 134 0.14 -20.88 8.99
CA ASP B 134 0.04 -20.14 10.23
C ASP B 134 -1.38 -19.65 10.51
N THR B 135 -2.37 -20.17 9.79
CA THR B 135 -3.76 -19.73 9.95
C THR B 135 -4.53 -20.77 10.76
N SER B 136 -5.02 -20.36 11.92
CA SER B 136 -5.79 -21.26 12.77
C SER B 136 -7.14 -21.58 12.13
N ILE B 137 -7.75 -22.66 12.61
CA ILE B 137 -9.00 -23.17 12.06
C ILE B 137 -9.99 -23.35 13.20
N ILE B 138 -11.19 -22.79 13.03
CA ILE B 138 -12.29 -23.01 13.96
C ILE B 138 -13.18 -24.08 13.33
N LEU B 139 -13.07 -25.30 13.83
CA LEU B 139 -13.74 -26.46 13.25
C LEU B 139 -15.06 -26.71 13.95
N PHE B 140 -16.14 -26.75 13.18
CA PHE B 140 -17.48 -26.96 13.71
C PHE B 140 -17.98 -28.34 13.33
N LEU B 141 -18.47 -29.08 14.31
CA LEU B 141 -19.11 -30.37 14.09
C LEU B 141 -20.58 -30.22 14.48
N ASN B 142 -21.42 -29.84 13.53
CA ASN B 142 -22.81 -29.55 13.80
C ASN B 142 -23.68 -30.78 13.63
N LYS B 143 -24.99 -30.58 13.82
CA LYS B 143 -25.99 -31.66 13.77
C LYS B 143 -25.64 -32.77 14.78
N LYS B 144 -25.22 -32.35 15.97
CA LYS B 144 -24.85 -33.33 16.99
C LYS B 144 -26.06 -34.08 17.52
N ASP B 145 -27.23 -33.43 17.57
CA ASP B 145 -28.45 -34.12 17.99
C ASP B 145 -28.79 -35.23 17.00
N LEU B 146 -28.72 -34.93 15.69
CA LEU B 146 -28.96 -35.94 14.68
C LEU B 146 -27.92 -37.05 14.76
N PHE B 147 -26.65 -36.69 15.00
CA PHE B 147 -25.60 -37.69 15.10
C PHE B 147 -25.86 -38.64 16.27
N GLY B 148 -26.24 -38.09 17.43
CA GLY B 148 -26.51 -38.94 18.58
C GLY B 148 -27.75 -39.81 18.37
N GLU B 149 -28.80 -39.24 17.78
CA GLU B 149 -30.01 -40.02 17.51
C GLU B 149 -29.73 -41.16 16.52
N LYS B 150 -28.89 -40.91 15.53
CA LYS B 150 -28.54 -41.96 14.58
C LYS B 150 -27.60 -42.99 15.20
N ILE B 151 -26.67 -42.55 16.05
CA ILE B 151 -25.69 -43.46 16.62
C ILE B 151 -26.26 -44.29 17.76
N LYS B 152 -27.40 -43.89 18.33
CA LYS B 152 -28.03 -44.70 19.37
C LYS B 152 -28.57 -46.01 18.82
N LYS B 153 -28.67 -46.15 17.49
CA LYS B 153 -29.11 -47.40 16.87
C LYS B 153 -28.15 -47.93 15.82
N SER B 154 -27.16 -47.16 15.40
CA SER B 154 -26.19 -47.59 14.41
C SER B 154 -24.78 -47.29 14.91
N PRO B 155 -23.80 -48.13 14.56
CA PRO B 155 -22.44 -47.93 15.04
C PRO B 155 -21.62 -47.03 14.12
N LEU B 156 -20.47 -46.61 14.64
CA LEU B 156 -19.52 -45.81 13.87
C LEU B 156 -18.58 -46.67 13.04
N THR B 157 -18.62 -48.00 13.20
CA THR B 157 -17.77 -48.88 12.40
C THR B 157 -18.12 -48.84 10.93
N ILE B 158 -19.34 -48.39 10.58
CA ILE B 158 -19.70 -48.22 9.18
C ILE B 158 -18.85 -47.14 8.53
N CYS B 159 -18.52 -46.09 9.29
CA CYS B 159 -17.67 -45.03 8.77
C CYS B 159 -16.19 -45.41 8.83
N PHE B 160 -15.68 -45.68 10.04
CA PHE B 160 -14.29 -46.05 10.22
C PHE B 160 -14.18 -47.53 10.52
N PRO B 161 -13.68 -48.35 9.59
CA PRO B 161 -13.52 -49.79 9.89
C PRO B 161 -12.50 -50.08 10.97
N GLU B 162 -11.60 -49.15 11.26
CA GLU B 162 -10.57 -49.33 12.28
C GLU B 162 -11.03 -48.86 13.65
N TYR B 163 -12.28 -48.45 13.79
CA TYR B 163 -12.79 -48.00 15.09
C TYR B 163 -12.98 -49.19 16.01
N THR B 164 -12.29 -49.17 17.16
CA THR B 164 -12.38 -50.23 18.15
C THR B 164 -12.99 -49.76 19.47
N GLY B 165 -13.38 -48.49 19.56
CA GLY B 165 -13.94 -47.98 20.78
C GLY B 165 -15.41 -48.31 20.91
N PRO B 166 -16.03 -47.80 21.99
CA PRO B 166 -17.45 -48.05 22.20
C PRO B 166 -18.30 -47.34 21.17
N ASN B 167 -19.46 -47.94 20.88
CA ASN B 167 -20.42 -47.34 19.97
C ASN B 167 -21.39 -46.42 20.71
N THR B 168 -20.83 -45.50 21.49
CA THR B 168 -21.58 -44.54 22.27
C THR B 168 -21.34 -43.13 21.72
N TYR B 169 -22.23 -42.22 22.10
CA TYR B 169 -22.21 -40.87 21.51
C TYR B 169 -20.91 -40.15 21.84
N GLU B 170 -20.54 -40.08 23.12
CA GLU B 170 -19.37 -39.31 23.53
C GLU B 170 -18.09 -39.90 22.97
N ASP B 171 -17.93 -41.22 23.09
CA ASP B 171 -16.72 -41.87 22.60
C ASP B 171 -16.60 -41.74 21.09
N ALA B 172 -17.70 -41.95 20.36
CA ALA B 172 -17.67 -41.82 18.91
C ALA B 172 -17.35 -40.39 18.49
N ALA B 173 -17.99 -39.41 19.12
CA ALA B 173 -17.76 -38.01 18.75
C ALA B 173 -16.34 -37.57 19.07
N ALA B 174 -15.80 -38.01 20.21
CA ALA B 174 -14.40 -37.74 20.50
C ALA B 174 -13.48 -38.41 19.48
N TYR B 175 -13.85 -39.59 18.99
CA TYR B 175 -13.05 -40.23 17.96
C TYR B 175 -13.05 -39.42 16.66
N ILE B 176 -14.21 -38.89 16.27
CA ILE B 176 -14.25 -38.07 15.06
C ILE B 176 -13.46 -36.78 15.25
N GLN B 177 -13.59 -36.16 16.43
CA GLN B 177 -12.84 -34.93 16.68
C GLN B 177 -11.33 -35.19 16.66
N ALA B 178 -10.89 -36.29 17.26
CA ALA B 178 -9.48 -36.65 17.20
C ALA B 178 -9.05 -37.02 15.79
N GLN B 179 -9.97 -37.54 14.98
CA GLN B 179 -9.64 -37.85 13.59
C GLN B 179 -9.33 -36.59 12.81
N PHE B 180 -10.09 -35.51 13.03
CA PHE B 180 -9.89 -34.28 12.28
C PHE B 180 -8.61 -33.57 12.71
N GLU B 181 -8.36 -33.51 14.03
CA GLU B 181 -7.16 -32.86 14.53
C GLU B 181 -5.89 -33.65 14.22
N SER B 182 -6.02 -34.91 13.79
CA SER B 182 -4.85 -35.68 13.38
C SER B 182 -4.26 -35.16 12.08
N LYS B 183 -5.01 -34.39 11.30
CA LYS B 183 -4.54 -33.83 10.05
C LYS B 183 -3.61 -32.63 10.25
N ASN B 184 -3.53 -32.11 11.47
CA ASN B 184 -2.66 -30.97 11.75
C ASN B 184 -1.23 -31.46 11.99
N ARG B 185 -0.29 -30.95 11.20
CA ARG B 185 1.13 -31.25 11.39
C ARG B 185 1.95 -29.99 11.62
N SER B 186 1.29 -28.85 11.82
CA SER B 186 1.97 -27.59 12.07
C SER B 186 1.85 -27.22 13.54
N PRO B 187 2.97 -27.11 14.27
CA PRO B 187 2.88 -26.75 15.69
C PRO B 187 2.27 -25.39 15.95
N ASN B 188 2.49 -24.43 15.06
CA ASN B 188 1.96 -23.08 15.28
C ASN B 188 0.46 -23.03 15.08
N LYS B 189 -0.06 -23.81 14.13
CA LYS B 189 -1.50 -23.83 13.88
C LYS B 189 -2.23 -24.51 15.04
N GLU B 190 -3.49 -24.11 15.23
CA GLU B 190 -4.31 -24.66 16.28
C GLU B 190 -5.75 -24.79 15.78
N ILE B 191 -6.37 -25.93 16.05
CA ILE B 191 -7.76 -26.18 15.69
C ILE B 191 -8.62 -26.00 16.93
N TYR B 192 -9.64 -25.15 16.83
CA TYR B 192 -10.56 -24.88 17.92
C TYR B 192 -11.85 -25.63 17.62
N CYS B 193 -11.89 -26.90 18.01
CA CYS B 193 -13.07 -27.72 17.75
C CYS B 193 -14.25 -27.26 18.60
N HIS B 194 -15.45 -27.43 18.05
CA HIS B 194 -16.66 -27.06 18.75
C HIS B 194 -17.79 -28.02 18.37
N MET B 195 -18.66 -28.30 19.33
CA MET B 195 -19.81 -29.17 19.13
C MET B 195 -21.06 -28.30 19.16
N THR B 196 -21.81 -28.29 18.08
CA THR B 196 -22.96 -27.40 17.94
C THR B 196 -24.13 -28.15 17.32
N CYS B 197 -25.31 -27.53 17.44
CA CYS B 197 -26.52 -28.08 16.82
C CYS B 197 -27.26 -26.99 16.06
N ALA B 198 -28.46 -27.29 15.58
CA ALA B 198 -29.24 -26.30 14.85
C ALA B 198 -29.78 -25.23 15.80
N THR B 199 -30.14 -25.62 17.02
CA THR B 199 -30.67 -24.69 18.01
C THR B 199 -29.57 -24.00 18.82
N ASP B 200 -28.31 -24.33 18.56
CA ASP B 200 -27.20 -23.70 19.28
C ASP B 200 -27.11 -22.22 18.90
N THR B 201 -26.91 -21.37 19.91
CA THR B 201 -26.91 -19.93 19.71
C THR B 201 -25.62 -19.24 20.14
N ASN B 202 -24.75 -19.90 20.91
CA ASN B 202 -23.51 -19.29 21.37
C ASN B 202 -22.36 -19.45 20.37
N ASN B 203 -22.68 -19.74 19.11
CA ASN B 203 -21.63 -19.91 18.10
C ASN B 203 -20.83 -18.63 17.90
N ALA B 204 -21.51 -17.47 17.90
CA ALA B 204 -20.82 -16.19 17.76
C ALA B 204 -19.84 -15.97 18.91
N GLN B 205 -20.24 -16.32 20.13
CA GLN B 205 -19.34 -16.22 21.26
C GLN B 205 -18.13 -17.12 21.09
N VAL B 206 -18.35 -18.34 20.60
CA VAL B 206 -17.26 -19.30 20.41
C VAL B 206 -16.25 -18.74 19.41
N ILE B 207 -16.75 -18.20 18.30
CA ILE B 207 -15.87 -17.57 17.32
C ILE B 207 -15.15 -16.38 17.93
N PHE B 208 -15.83 -15.64 18.82
CA PHE B 208 -15.20 -14.49 19.46
C PHE B 208 -14.01 -14.90 20.33
N ASP B 209 -14.19 -15.90 21.19
CA ASP B 209 -13.07 -16.34 22.03
C ASP B 209 -11.96 -16.95 21.17
N ALA B 210 -12.34 -17.67 20.12
CA ALA B 210 -11.34 -18.27 19.25
C ALA B 210 -10.48 -17.22 18.57
N VAL B 211 -11.11 -16.18 18.01
CA VAL B 211 -10.33 -15.14 17.32
C VAL B 211 -9.54 -14.32 18.32
N THR B 212 -10.05 -14.16 19.56
CA THR B 212 -9.26 -13.51 20.60
C THR B 212 -7.98 -14.27 20.89
N ASP B 213 -8.09 -15.59 21.00
CA ASP B 213 -6.90 -16.40 21.24
C ASP B 213 -5.94 -16.29 20.06
N ILE B 214 -6.48 -16.39 18.84
CA ILE B 214 -5.64 -16.30 17.65
C ILE B 214 -4.89 -14.96 17.62
N ILE B 215 -5.57 -13.88 18.02
CA ILE B 215 -4.94 -12.57 18.05
C ILE B 215 -3.84 -12.53 19.12
N ILE B 216 -4.09 -13.19 20.26
CA ILE B 216 -3.06 -13.29 21.29
C ILE B 216 -1.83 -14.00 20.74
N ALA B 217 -2.04 -15.12 20.05
CA ALA B 217 -0.91 -15.86 19.48
C ALA B 217 -0.19 -15.05 18.41
N ASN B 218 -0.94 -14.25 17.64
CA ASN B 218 -0.31 -13.37 16.65
C ASN B 218 0.56 -12.32 17.33
N ASN B 219 0.09 -11.75 18.45
CA ASN B 219 0.91 -10.81 19.20
C ASN B 219 2.17 -11.47 19.74
N LEU B 220 2.03 -12.70 20.25
CA LEU B 220 3.20 -13.44 20.71
C LEU B 220 4.20 -13.65 19.59
N ARG B 221 3.72 -14.03 18.40
CA ARG B 221 4.61 -14.25 17.27
C ARG B 221 5.29 -12.96 16.83
N GLY B 222 4.54 -11.85 16.81
CA GLY B 222 5.09 -10.60 16.30
C GLY B 222 5.93 -9.82 17.28
N CYS B 223 5.87 -10.18 18.57
CA CYS B 223 6.64 -9.46 19.57
C CYS B 223 8.08 -9.96 19.71
N GLY B 224 8.48 -10.95 18.93
CA GLY B 224 9.82 -11.50 19.07
C GLY B 224 10.06 -12.21 20.39
N LEU B 225 9.11 -13.05 20.81
CA LEU B 225 9.15 -13.68 22.11
C LEU B 225 9.51 -15.16 22.05
N TYR B 226 10.08 -15.61 20.94
CA TYR B 226 10.34 -17.04 20.74
C TYR B 226 11.84 -17.33 20.78
N GLU C 28 -10.11 -40.38 -34.80
CA GLU C 28 -10.03 -39.24 -35.72
C GLU C 28 -9.34 -38.05 -35.07
N ALA C 29 -9.65 -37.78 -33.80
CA ALA C 29 -8.99 -36.68 -33.09
C ALA C 29 -7.51 -36.94 -32.93
N GLU C 30 -7.13 -38.18 -32.61
CA GLU C 30 -5.72 -38.53 -32.48
C GLU C 30 -5.00 -38.40 -33.82
N GLN C 31 -5.65 -38.80 -34.92
CA GLN C 31 -5.05 -38.66 -36.24
C GLN C 31 -4.86 -37.20 -36.61
N LEU C 32 -5.85 -36.35 -36.29
CA LEU C 32 -5.72 -34.92 -36.54
C LEU C 32 -4.59 -34.31 -35.72
N LYS C 33 -4.48 -34.72 -34.46
CA LYS C 33 -3.39 -34.21 -33.61
C LYS C 33 -2.04 -34.65 -34.13
N ASN C 34 -1.93 -35.90 -34.60
CA ASN C 34 -0.67 -36.37 -35.17
C ASN C 34 -0.32 -35.62 -36.44
N GLN C 35 -1.33 -35.32 -37.27
CA GLN C 35 -1.09 -34.50 -38.46
C GLN C 35 -0.62 -33.11 -38.09
N ILE C 36 -1.21 -32.52 -37.05
CA ILE C 36 -0.78 -31.20 -36.59
C ILE C 36 0.65 -31.24 -36.09
N ARG C 37 1.01 -32.29 -35.34
CA ARG C 37 2.38 -32.43 -34.85
C ARG C 37 3.36 -32.61 -36.01
N ASP C 38 2.98 -33.39 -37.02
CA ASP C 38 3.85 -33.58 -38.18
C ASP C 38 4.03 -32.27 -38.95
N ALA C 39 2.96 -31.48 -39.08
CA ALA C 39 3.07 -30.18 -39.74
C ALA C 39 3.95 -29.24 -38.93
N ARG C 40 3.86 -29.30 -37.60
CA ARG C 40 4.74 -28.50 -36.75
C ARG C 40 6.20 -28.90 -36.95
N LYS C 41 6.48 -30.20 -37.00
CA LYS C 41 7.85 -30.66 -37.14
C LYS C 41 8.40 -30.42 -38.54
N ALA C 42 7.53 -30.33 -39.54
CA ALA C 42 8.00 -30.16 -40.92
C ALA C 42 8.57 -28.77 -41.16
N CYS C 43 8.13 -27.78 -40.39
CA CYS C 43 8.58 -26.40 -40.61
C CYS C 43 9.83 -26.05 -39.80
N ALA C 44 10.06 -26.73 -38.67
CA ALA C 44 11.13 -26.34 -37.76
C ALA C 44 12.51 -26.69 -38.32
N ASP C 45 12.94 -25.96 -39.35
CA ASP C 45 14.26 -26.21 -39.92
C ASP C 45 15.37 -25.67 -39.03
N ALA C 46 15.19 -24.48 -38.46
CA ALA C 46 16.23 -23.84 -37.66
C ALA C 46 15.62 -23.33 -36.36
N THR C 47 16.29 -23.64 -35.24
CA THR C 47 15.85 -23.18 -33.94
C THR C 47 16.26 -21.73 -33.73
N LEU C 48 15.42 -20.98 -32.99
CA LEU C 48 15.69 -19.56 -32.76
C LEU C 48 16.99 -19.34 -32.00
N SER C 49 17.38 -20.28 -31.13
CA SER C 49 18.62 -20.12 -30.38
C SER C 49 19.84 -20.19 -31.29
N GLN C 50 19.77 -20.98 -32.37
CA GLN C 50 20.92 -21.13 -33.25
C GLN C 50 21.15 -19.87 -34.08
N ILE C 51 20.09 -19.30 -34.66
CA ILE C 51 20.24 -18.14 -35.52
C ILE C 51 20.65 -16.91 -34.71
N THR C 52 20.11 -16.77 -33.49
CA THR C 52 20.32 -15.58 -32.68
C THR C 52 21.74 -15.45 -32.15
N ASN C 53 22.59 -16.48 -32.30
CA ASN C 53 23.94 -16.45 -31.74
C ASN C 53 24.85 -15.48 -32.46
N ASN C 54 24.45 -14.93 -33.60
CA ASN C 54 25.30 -14.06 -34.40
C ASN C 54 25.26 -12.60 -33.98
N ILE C 55 24.45 -12.24 -32.99
CA ILE C 55 24.35 -10.86 -32.53
C ILE C 55 24.76 -10.79 -31.07
N ASP C 56 25.28 -9.63 -30.67
CA ASP C 56 25.71 -9.43 -29.30
C ASP C 56 24.49 -9.33 -28.38
N PRO C 57 24.62 -9.82 -27.15
CA PRO C 57 23.53 -9.69 -26.18
C PRO C 57 23.44 -8.26 -25.64
N VAL C 58 22.31 -7.98 -24.98
CA VAL C 58 22.09 -6.65 -24.41
C VAL C 58 22.93 -6.39 -23.17
N GLY C 59 23.60 -7.40 -22.63
CA GLY C 59 24.42 -7.20 -21.45
C GLY C 59 23.56 -7.01 -20.21
N ARG C 60 24.21 -6.50 -19.16
CA ARG C 60 23.53 -6.26 -17.89
C ARG C 60 22.66 -5.02 -18.01
N ILE C 61 21.35 -5.22 -17.94
CA ILE C 61 20.40 -4.11 -18.03
C ILE C 61 20.30 -3.46 -16.65
N GLN C 62 20.87 -2.27 -16.50
CA GLN C 62 20.87 -1.55 -15.23
C GLN C 62 19.67 -0.62 -15.20
N MET C 63 18.66 -0.98 -14.40
CA MET C 63 17.44 -0.21 -14.27
C MET C 63 17.18 0.02 -12.79
N ARG C 64 16.95 1.28 -12.43
CA ARG C 64 16.83 1.68 -11.03
C ARG C 64 15.46 2.28 -10.77
N THR C 65 14.99 2.12 -9.53
CA THR C 65 13.72 2.70 -9.13
C THR C 65 13.78 4.22 -9.20
N ARG C 66 12.76 4.82 -9.79
CA ARG C 66 12.65 6.27 -9.91
C ARG C 66 11.56 6.85 -9.02
N ARG C 67 10.38 6.24 -9.00
CA ARG C 67 9.29 6.67 -8.15
C ARG C 67 8.77 5.47 -7.34
N THR C 68 8.06 5.77 -6.27
CA THR C 68 7.40 4.75 -5.47
C THR C 68 6.05 5.29 -5.03
N LEU C 69 4.98 4.59 -5.41
CA LEU C 69 3.62 5.01 -5.09
C LEU C 69 3.20 4.38 -3.77
N ARG C 70 2.92 5.21 -2.77
CA ARG C 70 2.77 4.78 -1.38
C ARG C 70 1.38 5.07 -0.84
N GLY C 71 0.34 4.73 -1.59
CA GLY C 71 -1.00 4.99 -1.13
C GLY C 71 -1.82 3.75 -0.85
N HIS C 72 -1.44 2.64 -1.46
CA HIS C 72 -2.18 1.39 -1.33
C HIS C 72 -1.84 0.72 0.00
N LEU C 73 -2.86 0.12 0.62
CA LEU C 73 -2.71 -0.52 1.92
C LEU C 73 -2.56 -2.03 1.82
N ALA C 74 -3.50 -2.70 1.16
CA ALA C 74 -3.47 -4.14 1.01
C ALA C 74 -2.68 -4.50 -0.24
N LYS C 75 -2.66 -5.79 -0.59
CA LYS C 75 -1.86 -6.26 -1.70
C LYS C 75 -2.41 -5.76 -3.04
N ILE C 76 -1.51 -5.30 -3.90
CA ILE C 76 -1.87 -4.84 -5.23
C ILE C 76 -1.89 -6.04 -6.17
N TYR C 77 -3.01 -6.22 -6.87
CA TYR C 77 -3.20 -7.40 -7.71
C TYR C 77 -3.05 -7.10 -9.20
N ALA C 78 -3.49 -5.93 -9.66
CA ALA C 78 -3.39 -5.61 -11.07
C ALA C 78 -3.12 -4.12 -11.23
N MET C 79 -2.48 -3.77 -12.35
CA MET C 79 -2.25 -2.39 -12.70
C MET C 79 -2.20 -2.29 -14.23
N HIS C 80 -2.54 -1.11 -14.74
CA HIS C 80 -2.51 -0.86 -16.18
C HIS C 80 -2.07 0.57 -16.45
N TRP C 81 -1.40 0.75 -17.57
CA TRP C 81 -0.91 2.05 -18.01
C TRP C 81 -1.91 2.74 -18.93
N GLY C 82 -1.90 4.07 -18.91
CA GLY C 82 -2.62 4.82 -19.92
C GLY C 82 -1.82 5.00 -21.19
N THR C 83 -2.51 5.28 -22.28
CA THR C 83 -1.85 5.41 -23.57
C THR C 83 -1.02 6.69 -23.67
N ASP C 84 -1.18 7.64 -22.75
CA ASP C 84 -0.35 8.82 -22.73
C ASP C 84 0.98 8.58 -22.02
N SER C 85 1.18 7.38 -21.47
CA SER C 85 2.42 6.97 -20.81
C SER C 85 2.75 7.83 -19.61
N ARG C 86 1.75 8.45 -19.00
CA ARG C 86 1.97 9.28 -17.82
C ARG C 86 1.02 8.86 -16.70
N LEU C 87 -0.19 8.46 -17.05
CA LEU C 87 -1.18 8.02 -16.07
C LEU C 87 -1.24 6.50 -16.04
N LEU C 88 -1.41 5.94 -14.86
CA LEU C 88 -1.63 4.51 -14.71
C LEU C 88 -2.75 4.28 -13.71
N VAL C 89 -3.43 3.16 -13.85
CA VAL C 89 -4.46 2.73 -12.91
C VAL C 89 -3.97 1.45 -12.24
N SER C 90 -4.17 1.36 -10.93
CA SER C 90 -3.80 0.18 -10.18
C SER C 90 -4.96 -0.26 -9.31
N ALA C 91 -5.08 -1.57 -9.12
CA ALA C 91 -6.13 -2.16 -8.29
C ALA C 91 -5.49 -2.95 -7.17
N SER C 92 -6.06 -2.85 -5.98
CA SER C 92 -5.53 -3.52 -4.82
C SER C 92 -6.68 -4.10 -3.98
N GLN C 93 -6.30 -4.91 -2.99
CA GLN C 93 -7.27 -5.67 -2.22
C GLN C 93 -8.09 -4.79 -1.28
N ASP C 94 -7.65 -3.57 -1.00
CA ASP C 94 -8.41 -2.68 -0.11
C ASP C 94 -9.61 -2.04 -0.80
N GLY C 95 -10.00 -2.53 -1.98
CA GLY C 95 -11.16 -2.02 -2.67
C GLY C 95 -11.01 -0.60 -3.19
N LYS C 96 -9.85 -0.27 -3.75
CA LYS C 96 -9.57 1.06 -4.25
C LYS C 96 -8.95 0.99 -5.62
N LEU C 97 -9.51 1.74 -6.57
CA LEU C 97 -8.90 1.99 -7.87
C LEU C 97 -8.29 3.38 -7.81
N ILE C 98 -6.95 3.45 -7.80
CA ILE C 98 -6.24 4.70 -7.69
C ILE C 98 -5.54 4.98 -9.01
N ILE C 99 -5.74 6.19 -9.54
CA ILE C 99 -5.05 6.66 -10.74
C ILE C 99 -3.92 7.58 -10.30
N TRP C 100 -2.71 7.29 -10.76
CA TRP C 100 -1.51 7.98 -10.32
C TRP C 100 -0.95 8.82 -11.46
N ASP C 101 -0.42 9.99 -11.11
CA ASP C 101 0.44 10.75 -12.00
C ASP C 101 1.85 10.21 -11.82
N SER C 102 2.37 9.52 -12.83
CA SER C 102 3.66 8.86 -12.69
C SER C 102 4.81 9.85 -12.58
N TYR C 103 4.68 11.02 -13.23
CA TYR C 103 5.77 12.00 -13.22
C TYR C 103 5.89 12.67 -11.87
N THR C 104 4.77 13.09 -11.28
CA THR C 104 4.77 13.91 -10.08
C THR C 104 4.27 13.19 -8.84
N THR C 105 3.98 11.89 -8.95
CA THR C 105 3.66 11.00 -7.82
C THR C 105 2.27 11.31 -7.26
N ASN C 106 1.64 12.38 -7.75
CA ASN C 106 0.32 12.78 -7.27
C ASN C 106 -0.73 11.74 -7.64
N LYS C 107 -1.74 11.61 -6.78
CA LYS C 107 -2.88 10.76 -7.05
C LYS C 107 -3.97 11.58 -7.73
N VAL C 108 -4.41 11.13 -8.89
CA VAL C 108 -5.41 11.87 -9.66
C VAL C 108 -6.83 11.52 -9.21
N HIS C 109 -7.10 10.24 -9.02
CA HIS C 109 -8.43 9.79 -8.62
C HIS C 109 -8.30 8.62 -7.65
N ALA C 110 -9.34 8.43 -6.84
CA ALA C 110 -9.45 7.27 -5.95
C ALA C 110 -10.87 6.75 -6.08
N ILE C 111 -11.04 5.61 -6.75
CA ILE C 111 -12.35 5.06 -7.07
C ILE C 111 -12.63 3.91 -6.10
N PRO C 112 -13.60 4.04 -5.20
CA PRO C 112 -13.98 2.90 -4.36
C PRO C 112 -14.66 1.81 -5.18
N LEU C 113 -14.40 0.57 -4.79
CA LEU C 113 -14.93 -0.61 -5.48
C LEU C 113 -15.96 -1.29 -4.59
N ARG C 114 -17.06 -1.73 -5.21
CA ARG C 114 -18.09 -2.45 -4.46
C ARG C 114 -17.57 -3.77 -3.91
N SER C 115 -16.80 -4.50 -4.71
CA SER C 115 -16.20 -5.76 -4.29
C SER C 115 -14.68 -5.58 -4.21
N SER C 116 -14.11 -5.89 -3.06
CA SER C 116 -12.68 -5.71 -2.84
C SER C 116 -11.83 -6.83 -3.43
N TRP C 117 -12.45 -7.89 -3.93
CA TRP C 117 -11.72 -9.03 -4.47
C TRP C 117 -11.41 -8.86 -5.94
N VAL C 118 -10.80 -7.72 -6.28
CA VAL C 118 -10.52 -7.38 -7.67
C VAL C 118 -9.24 -8.08 -8.11
N MET C 119 -9.31 -8.74 -9.27
CA MET C 119 -8.17 -9.45 -9.81
C MET C 119 -7.63 -8.84 -11.09
N THR C 120 -8.32 -7.86 -11.67
CA THR C 120 -7.89 -7.26 -12.91
C THR C 120 -8.42 -5.83 -13.02
N CYS C 121 -7.70 -5.01 -13.78
CA CYS C 121 -8.13 -3.65 -14.05
C CYS C 121 -7.59 -3.22 -15.41
N ALA C 122 -8.28 -2.29 -16.06
CA ALA C 122 -7.92 -1.86 -17.39
C ALA C 122 -8.10 -0.35 -17.53
N TYR C 123 -7.38 0.21 -18.49
CA TYR C 123 -7.47 1.62 -18.84
C TYR C 123 -7.92 1.73 -20.29
N ALA C 124 -8.95 2.54 -20.53
CA ALA C 124 -9.43 2.71 -21.89
C ALA C 124 -8.39 3.46 -22.73
N PRO C 125 -8.24 3.12 -24.00
CA PRO C 125 -7.24 3.82 -24.84
C PRO C 125 -7.50 5.31 -24.95
N SER C 126 -8.75 5.74 -24.95
CA SER C 126 -9.05 7.17 -24.96
C SER C 126 -8.70 7.83 -23.65
N GLY C 127 -8.84 7.12 -22.53
CA GLY C 127 -8.58 7.66 -21.22
C GLY C 127 -9.82 8.08 -20.45
N ASN C 128 -11.01 7.86 -21.00
CA ASN C 128 -12.24 8.27 -20.34
C ASN C 128 -12.81 7.21 -19.42
N TYR C 129 -12.32 5.97 -19.48
CA TYR C 129 -12.93 4.88 -18.73
C TYR C 129 -11.86 4.00 -18.12
N VAL C 130 -12.21 3.39 -16.98
CA VAL C 130 -11.45 2.30 -16.39
C VAL C 130 -12.41 1.17 -16.06
N ALA C 131 -11.90 -0.04 -16.01
CA ALA C 131 -12.69 -1.23 -15.73
C ALA C 131 -12.00 -2.07 -14.67
N CYS C 132 -12.79 -2.89 -13.98
CA CYS C 132 -12.24 -3.79 -12.97
C CYS C 132 -13.21 -4.95 -12.78
N GLY C 133 -12.69 -6.05 -12.25
CA GLY C 133 -13.49 -7.22 -11.97
C GLY C 133 -12.72 -8.23 -11.17
N GLY C 134 -13.44 -9.20 -10.63
CA GLY C 134 -12.84 -10.21 -9.79
C GLY C 134 -13.75 -11.38 -9.46
N LEU C 135 -13.72 -11.82 -8.21
CA LEU C 135 -14.56 -12.94 -7.78
C LEU C 135 -16.04 -12.61 -7.76
N ASP C 136 -16.41 -11.33 -7.93
CA ASP C 136 -17.81 -10.95 -7.99
C ASP C 136 -18.50 -11.39 -9.28
N ASN C 137 -17.73 -11.89 -10.26
CA ASN C 137 -18.26 -12.28 -11.58
C ASN C 137 -18.89 -11.09 -12.30
N ILE C 138 -18.40 -9.89 -12.04
CA ILE C 138 -18.93 -8.66 -12.63
C ILE C 138 -17.75 -7.83 -13.14
N CYS C 139 -17.88 -7.30 -14.34
CA CYS C 139 -16.88 -6.39 -14.91
C CYS C 139 -17.47 -4.98 -14.89
N SER C 140 -17.16 -4.23 -13.84
CA SER C 140 -17.64 -2.87 -13.71
C SER C 140 -16.84 -1.93 -14.61
N ILE C 141 -17.49 -0.87 -15.07
CA ILE C 141 -16.88 0.15 -15.92
C ILE C 141 -17.18 1.51 -15.32
N TYR C 142 -16.14 2.33 -15.16
CA TYR C 142 -16.25 3.63 -14.52
C TYR C 142 -15.96 4.74 -15.52
N ASN C 143 -16.64 5.86 -15.34
CA ASN C 143 -16.49 7.03 -16.20
C ASN C 143 -15.56 8.04 -15.53
N LEU C 144 -14.44 8.34 -16.18
CA LEU C 144 -13.44 9.22 -15.61
C LEU C 144 -13.72 10.69 -15.87
N LYS C 145 -14.34 11.02 -16.99
CA LYS C 145 -14.54 12.40 -17.40
C LYS C 145 -16.04 12.69 -17.46
N THR C 146 -16.60 13.08 -16.32
CA THR C 146 -18.01 13.41 -16.20
C THR C 146 -18.17 14.93 -16.08
N ARG C 147 -19.42 15.35 -15.86
CA ARG C 147 -19.73 16.76 -15.67
C ARG C 147 -19.92 17.14 -14.20
N GLU C 148 -20.12 16.15 -13.33
CA GLU C 148 -20.29 16.39 -11.90
C GLU C 148 -18.98 16.41 -11.14
N GLY C 149 -17.86 16.13 -11.80
CA GLY C 149 -16.55 16.21 -11.20
C GLY C 149 -16.12 15.00 -10.40
N ASN C 150 -16.91 13.92 -10.37
CA ASN C 150 -16.54 12.71 -9.66
C ASN C 150 -16.67 11.52 -10.60
N VAL C 151 -15.84 10.50 -10.34
CA VAL C 151 -15.85 9.29 -11.15
C VAL C 151 -16.99 8.38 -10.68
N ARG C 152 -17.85 8.00 -11.61
CA ARG C 152 -19.00 7.16 -11.32
C ARG C 152 -18.97 5.91 -12.19
N VAL C 153 -19.65 4.87 -11.72
CA VAL C 153 -19.71 3.60 -12.44
C VAL C 153 -20.67 3.73 -13.61
N SER C 154 -20.23 3.28 -14.78
CA SER C 154 -21.00 3.44 -16.01
C SER C 154 -21.87 2.21 -16.28
N ARG C 155 -21.24 1.04 -16.41
CA ARG C 155 -21.95 -0.19 -16.71
C ARG C 155 -21.38 -1.33 -15.88
N GLU C 156 -22.23 -2.30 -15.56
CA GLU C 156 -21.83 -3.52 -14.86
C GLU C 156 -22.20 -4.71 -15.74
N LEU C 157 -21.18 -5.41 -16.24
CA LEU C 157 -21.38 -6.50 -17.18
C LEU C 157 -21.44 -7.83 -16.44
N ALA C 158 -22.48 -8.61 -16.72
CA ALA C 158 -22.70 -9.88 -16.05
C ALA C 158 -22.95 -10.97 -17.09
N GLY C 159 -22.62 -12.22 -16.71
CA GLY C 159 -22.78 -13.34 -17.62
C GLY C 159 -21.71 -14.38 -17.46
N HIS C 160 -20.58 -14.00 -16.86
CA HIS C 160 -19.53 -14.95 -16.55
C HIS C 160 -19.88 -15.72 -15.28
N THR C 161 -19.72 -17.04 -15.33
CA THR C 161 -20.02 -17.86 -14.17
C THR C 161 -18.87 -17.88 -13.18
N GLY C 162 -17.63 -17.94 -13.68
CA GLY C 162 -16.46 -17.91 -12.83
C GLY C 162 -15.99 -16.50 -12.54
N TYR C 163 -14.86 -16.43 -11.85
CA TYR C 163 -14.29 -15.14 -11.48
C TYR C 163 -13.75 -14.40 -12.70
N LEU C 164 -13.73 -13.09 -12.61
CA LEU C 164 -13.12 -12.27 -13.65
C LEU C 164 -11.61 -12.19 -13.43
N SER C 165 -10.85 -12.54 -14.46
CA SER C 165 -9.40 -12.59 -14.35
C SER C 165 -8.65 -11.61 -15.24
N CYS C 166 -9.25 -11.14 -16.32
CA CYS C 166 -8.60 -10.17 -17.20
C CYS C 166 -9.65 -9.47 -18.03
N CYS C 167 -9.39 -8.19 -18.32
CA CYS C 167 -10.27 -7.39 -19.16
C CYS C 167 -9.44 -6.35 -19.89
N ARG C 168 -9.73 -6.16 -21.18
CA ARG C 168 -9.02 -5.19 -22.00
C ARG C 168 -10.00 -4.52 -22.94
N PHE C 169 -9.96 -3.18 -23.00
CA PHE C 169 -10.83 -2.44 -23.89
C PHE C 169 -10.38 -2.59 -25.34
N LEU C 170 -11.35 -2.72 -26.25
CA LEU C 170 -11.07 -2.52 -27.66
C LEU C 170 -11.23 -1.06 -28.05
N ASP C 171 -12.27 -0.42 -27.52
CA ASP C 171 -12.52 1.00 -27.67
C ASP C 171 -13.41 1.41 -26.50
N ASP C 172 -14.01 2.60 -26.61
CA ASP C 172 -14.88 3.09 -25.54
C ASP C 172 -16.16 2.30 -25.39
N ASN C 173 -16.49 1.42 -26.34
CA ASN C 173 -17.73 0.65 -26.29
C ASN C 173 -17.52 -0.85 -26.30
N GLN C 174 -16.33 -1.35 -26.60
CA GLN C 174 -16.06 -2.77 -26.71
C GLN C 174 -14.99 -3.19 -25.71
N ILE C 175 -15.26 -4.26 -24.96
CA ILE C 175 -14.33 -4.80 -23.98
C ILE C 175 -14.39 -6.32 -24.05
N VAL C 176 -13.24 -6.97 -23.96
CA VAL C 176 -13.13 -8.42 -23.97
C VAL C 176 -12.67 -8.89 -22.60
N THR C 177 -13.37 -9.87 -22.03
CA THR C 177 -13.07 -10.38 -20.70
C THR C 177 -12.78 -11.87 -20.76
N SER C 178 -12.04 -12.33 -19.75
CA SER C 178 -11.75 -13.74 -19.56
C SER C 178 -12.16 -14.15 -18.14
N SER C 179 -12.57 -15.40 -17.99
CA SER C 179 -13.15 -15.84 -16.72
C SER C 179 -12.69 -17.24 -16.38
N GLY C 180 -12.98 -17.64 -15.14
CA GLY C 180 -12.72 -18.96 -14.62
C GLY C 180 -13.76 -20.00 -14.95
N ASP C 181 -14.81 -19.64 -15.70
CA ASP C 181 -15.76 -20.60 -16.22
C ASP C 181 -15.35 -21.15 -17.57
N THR C 182 -14.05 -21.09 -17.89
CA THR C 182 -13.47 -21.63 -19.13
C THR C 182 -14.01 -20.93 -20.38
N THR C 183 -14.38 -19.66 -20.27
CA THR C 183 -14.90 -18.92 -21.41
C THR C 183 -14.29 -17.53 -21.46
N CYS C 184 -14.30 -16.94 -22.65
CA CYS C 184 -13.99 -15.53 -22.87
C CYS C 184 -15.13 -14.91 -23.66
N ALA C 185 -15.38 -13.62 -23.42
CA ALA C 185 -16.54 -12.97 -24.00
C ALA C 185 -16.14 -11.60 -24.55
N LEU C 186 -16.95 -11.12 -25.50
CA LEU C 186 -16.83 -9.78 -26.05
C LEU C 186 -18.15 -9.04 -25.80
N TRP C 187 -18.06 -7.84 -25.25
CA TRP C 187 -19.23 -7.10 -24.82
C TRP C 187 -19.34 -5.77 -25.57
N ASP C 188 -20.58 -5.35 -25.78
CA ASP C 188 -20.89 -3.96 -26.12
C ASP C 188 -21.32 -3.27 -24.84
N ILE C 189 -20.55 -2.27 -24.42
CA ILE C 189 -20.77 -1.64 -23.11
C ILE C 189 -22.13 -0.94 -23.06
N GLU C 190 -22.49 -0.25 -24.14
CA GLU C 190 -23.79 0.43 -24.19
C GLU C 190 -24.94 -0.57 -24.10
N THR C 191 -24.86 -1.65 -24.89
CA THR C 191 -25.91 -2.66 -24.84
C THR C 191 -25.88 -3.43 -23.53
N GLY C 192 -24.69 -3.76 -23.04
CA GLY C 192 -24.55 -4.48 -21.79
C GLY C 192 -24.64 -5.99 -21.90
N GLN C 193 -24.57 -6.55 -23.10
CA GLN C 193 -24.68 -7.98 -23.31
C GLN C 193 -23.50 -8.48 -24.12
N GLN C 194 -23.21 -9.77 -23.98
CA GLN C 194 -22.08 -10.37 -24.68
C GLN C 194 -22.40 -10.46 -26.18
N THR C 195 -21.57 -9.82 -27.00
CA THR C 195 -21.69 -10.00 -28.44
C THR C 195 -21.27 -11.41 -28.84
N THR C 196 -20.15 -11.88 -28.30
CA THR C 196 -19.60 -13.19 -28.63
C THR C 196 -19.18 -13.89 -27.34
N THR C 197 -19.19 -15.23 -27.38
CA THR C 197 -18.64 -16.04 -26.31
C THR C 197 -17.63 -17.01 -26.92
N PHE C 198 -16.41 -16.99 -26.40
CA PHE C 198 -15.33 -17.82 -26.91
C PHE C 198 -15.19 -19.05 -26.04
N THR C 199 -15.30 -20.22 -26.65
CA THR C 199 -15.40 -21.49 -25.93
C THR C 199 -14.43 -22.49 -26.56
N GLY C 200 -13.88 -23.36 -25.72
CA GLY C 200 -12.93 -24.36 -26.17
C GLY C 200 -11.88 -24.70 -25.14
N HIS C 201 -11.69 -23.82 -24.17
CA HIS C 201 -10.79 -24.11 -23.06
C HIS C 201 -11.47 -25.07 -22.08
N THR C 202 -10.66 -25.95 -21.49
CA THR C 202 -11.16 -26.87 -20.47
C THR C 202 -10.82 -26.44 -19.06
N GLY C 203 -9.77 -25.64 -18.88
CA GLY C 203 -9.43 -25.08 -17.59
C GLY C 203 -9.80 -23.60 -17.51
N ASP C 204 -9.62 -23.06 -16.30
CA ASP C 204 -9.93 -21.65 -16.06
C ASP C 204 -9.02 -20.76 -16.89
N VAL C 205 -9.62 -19.81 -17.61
CA VAL C 205 -8.84 -18.82 -18.34
C VAL C 205 -8.32 -17.79 -17.36
N MET C 206 -7.01 -17.53 -17.40
CA MET C 206 -6.36 -16.70 -16.41
C MET C 206 -6.00 -15.31 -16.91
N SER C 207 -5.63 -15.17 -18.18
CA SER C 207 -5.23 -13.87 -18.70
C SER C 207 -5.49 -13.82 -20.20
N LEU C 208 -5.57 -12.60 -20.71
CA LEU C 208 -5.71 -12.36 -22.14
C LEU C 208 -4.84 -11.18 -22.52
N SER C 209 -4.46 -11.13 -23.79
CA SER C 209 -3.68 -10.04 -24.34
C SER C 209 -4.17 -9.70 -25.73
N LEU C 210 -4.37 -8.42 -26.00
CA LEU C 210 -4.91 -7.97 -27.26
C LEU C 210 -3.80 -7.74 -28.27
N ALA C 211 -4.11 -7.99 -29.54
CA ALA C 211 -3.20 -7.67 -30.62
C ALA C 211 -3.11 -6.16 -30.80
N PRO C 212 -2.04 -5.67 -31.43
CA PRO C 212 -1.97 -4.22 -31.72
C PRO C 212 -3.13 -3.72 -32.56
N ASP C 213 -3.62 -4.51 -33.51
CA ASP C 213 -4.74 -4.10 -34.34
C ASP C 213 -6.09 -4.39 -33.71
N THR C 214 -6.12 -5.02 -32.54
CA THR C 214 -7.35 -5.39 -31.82
C THR C 214 -8.26 -6.27 -32.66
N ARG C 215 -7.68 -7.09 -33.54
CA ARG C 215 -8.44 -8.03 -34.35
C ARG C 215 -8.34 -9.47 -33.84
N LEU C 216 -7.32 -9.79 -33.07
CA LEU C 216 -7.15 -11.11 -32.48
C LEU C 216 -6.66 -10.95 -31.04
N PHE C 217 -6.79 -12.01 -30.27
CA PHE C 217 -6.21 -12.02 -28.92
C PHE C 217 -5.90 -13.45 -28.52
N VAL C 218 -4.99 -13.60 -27.57
CA VAL C 218 -4.56 -14.88 -27.05
C VAL C 218 -4.97 -14.97 -25.58
N SER C 219 -5.44 -16.15 -25.18
CA SER C 219 -5.85 -16.39 -23.81
C SER C 219 -5.17 -17.65 -23.28
N GLY C 220 -4.52 -17.54 -22.13
CA GLY C 220 -3.90 -18.67 -21.48
C GLY C 220 -4.79 -19.18 -20.36
N ALA C 221 -4.96 -20.49 -20.31
CA ALA C 221 -5.92 -21.12 -19.42
C ALA C 221 -5.21 -22.05 -18.43
N CYS C 222 -6.00 -22.61 -17.52
CA CYS C 222 -5.50 -23.55 -16.51
C CYS C 222 -5.31 -24.95 -17.05
N ASP C 223 -5.70 -25.21 -18.30
CA ASP C 223 -5.41 -26.48 -18.94
C ASP C 223 -4.01 -26.54 -19.55
N ALA C 224 -3.13 -25.64 -19.12
CA ALA C 224 -1.75 -25.54 -19.61
C ALA C 224 -1.68 -25.30 -21.11
N SER C 225 -2.69 -24.64 -21.67
CA SER C 225 -2.76 -24.39 -23.09
C SER C 225 -3.13 -22.94 -23.37
N ALA C 226 -2.65 -22.44 -24.50
CA ALA C 226 -2.97 -21.10 -24.97
C ALA C 226 -3.72 -21.20 -26.29
N LYS C 227 -4.75 -20.38 -26.46
CA LYS C 227 -5.59 -20.41 -27.64
C LYS C 227 -5.68 -19.01 -28.24
N LEU C 228 -5.50 -18.92 -29.56
CA LEU C 228 -5.68 -17.67 -30.28
C LEU C 228 -7.12 -17.59 -30.78
N TRP C 229 -7.72 -16.41 -30.65
CA TRP C 229 -9.12 -16.21 -30.98
C TRP C 229 -9.26 -15.15 -32.07
N ASP C 230 -10.45 -15.14 -32.69
CA ASP C 230 -10.84 -14.13 -33.66
C ASP C 230 -12.10 -13.45 -33.13
N VAL C 231 -12.00 -12.15 -32.86
CA VAL C 231 -13.12 -11.45 -32.22
C VAL C 231 -14.29 -11.33 -33.18
N ARG C 232 -14.03 -11.11 -34.47
CA ARG C 232 -15.11 -11.01 -35.45
C ARG C 232 -15.73 -12.37 -35.72
N GLU C 233 -14.91 -13.39 -35.95
CA GLU C 233 -15.42 -14.72 -36.27
C GLU C 233 -16.03 -15.39 -35.04
N GLY C 234 -15.33 -15.32 -33.91
CA GLY C 234 -15.82 -15.91 -32.68
C GLY C 234 -15.41 -17.34 -32.42
N MET C 235 -14.44 -17.87 -33.15
CA MET C 235 -14.01 -19.25 -33.00
C MET C 235 -12.50 -19.30 -32.79
N CYS C 236 -12.05 -20.37 -32.12
CA CYS C 236 -10.63 -20.57 -31.90
C CYS C 236 -9.93 -20.86 -33.22
N ARG C 237 -8.74 -20.28 -33.38
CA ARG C 237 -7.96 -20.46 -34.60
C ARG C 237 -6.75 -21.36 -34.41
N GLN C 238 -6.01 -21.22 -33.31
CA GLN C 238 -4.85 -22.04 -33.04
C GLN C 238 -4.80 -22.35 -31.55
N THR C 239 -4.19 -23.50 -31.22
CA THR C 239 -3.99 -23.91 -29.84
C THR C 239 -2.53 -24.28 -29.64
N PHE C 240 -1.99 -23.90 -28.49
CA PHE C 240 -0.58 -24.13 -28.15
C PHE C 240 -0.51 -24.87 -26.83
N THR C 241 0.27 -25.93 -26.79
CA THR C 241 0.29 -26.87 -25.66
C THR C 241 1.71 -27.13 -25.19
N GLY C 242 2.45 -26.07 -24.90
CA GLY C 242 3.82 -26.22 -24.43
C GLY C 242 3.99 -26.44 -22.94
N HIS C 243 3.26 -25.69 -22.13
CA HIS C 243 3.50 -25.65 -20.70
C HIS C 243 3.00 -26.93 -20.02
N GLU C 244 3.50 -27.15 -18.80
CA GLU C 244 3.12 -28.30 -17.99
C GLU C 244 2.08 -27.98 -16.93
N SER C 245 2.06 -26.76 -16.41
CA SER C 245 1.09 -26.33 -15.41
C SER C 245 0.29 -25.16 -15.96
N ASP C 246 -0.59 -24.62 -15.10
CA ASP C 246 -1.53 -23.59 -15.53
C ASP C 246 -0.82 -22.30 -15.91
N ILE C 247 -1.24 -21.71 -17.03
CA ILE C 247 -0.67 -20.46 -17.52
C ILE C 247 -1.31 -19.30 -16.77
N ASN C 248 -0.47 -18.42 -16.22
CA ASN C 248 -0.95 -17.32 -15.38
C ASN C 248 -0.85 -15.95 -16.03
N ALA C 249 -0.07 -15.81 -17.10
CA ALA C 249 0.11 -14.52 -17.73
C ALA C 249 0.45 -14.71 -19.19
N ILE C 250 -0.16 -13.89 -20.05
CA ILE C 250 0.11 -13.90 -21.47
C ILE C 250 0.29 -12.44 -21.92
N CYS C 251 1.06 -12.26 -22.98
CA CYS C 251 1.33 -10.93 -23.50
C CYS C 251 1.71 -11.04 -24.96
N PHE C 252 1.29 -10.06 -25.75
CA PHE C 252 1.57 -10.06 -27.18
C PHE C 252 2.92 -9.43 -27.47
N PHE C 253 3.63 -9.99 -28.45
CA PHE C 253 4.80 -9.34 -29.00
C PHE C 253 4.37 -8.07 -29.73
N PRO C 254 5.19 -7.02 -29.73
CA PRO C 254 4.78 -5.76 -30.38
C PRO C 254 4.46 -5.91 -31.86
N ASN C 255 5.09 -6.86 -32.55
CA ASN C 255 4.82 -7.01 -33.98
C ASN C 255 3.44 -7.61 -34.21
N GLY C 256 2.95 -8.41 -33.26
CA GLY C 256 1.60 -8.94 -33.32
C GLY C 256 1.47 -10.37 -33.78
N ASN C 257 2.55 -11.01 -34.22
CA ASN C 257 2.50 -12.40 -34.68
C ASN C 257 3.23 -13.34 -33.72
N ALA C 258 3.41 -12.93 -32.46
CA ALA C 258 4.05 -13.76 -31.46
C ALA C 258 3.53 -13.36 -30.09
N PHE C 259 3.72 -14.23 -29.12
CA PHE C 259 3.29 -13.96 -27.77
C PHE C 259 4.07 -14.82 -26.80
N ALA C 260 4.07 -14.43 -25.53
CA ALA C 260 4.79 -15.14 -24.48
C ALA C 260 3.84 -15.49 -23.35
N THR C 261 4.14 -16.59 -22.67
CA THR C 261 3.31 -17.12 -21.61
C THR C 261 4.10 -17.25 -20.32
N GLY C 262 3.39 -17.21 -19.19
CA GLY C 262 3.99 -17.43 -17.90
C GLY C 262 3.15 -18.37 -17.05
N SER C 263 3.72 -19.49 -16.64
CA SER C 263 2.95 -20.55 -16.01
C SER C 263 3.54 -20.87 -14.63
N ASP C 264 2.85 -21.76 -13.91
CA ASP C 264 3.25 -22.16 -12.56
C ASP C 264 4.21 -23.34 -12.57
N ASP C 265 5.23 -23.28 -13.43
CA ASP C 265 6.30 -24.25 -13.42
C ASP C 265 7.65 -23.57 -13.62
N ALA C 266 7.74 -22.31 -13.18
CA ALA C 266 8.97 -21.52 -13.28
C ALA C 266 9.47 -21.42 -14.71
N THR C 267 8.55 -21.27 -15.65
CA THR C 267 8.90 -21.26 -17.07
C THR C 267 8.14 -20.16 -17.79
N CYS C 268 8.83 -19.48 -18.69
CA CYS C 268 8.22 -18.55 -19.65
C CYS C 268 8.57 -19.04 -21.03
N ARG C 269 7.57 -19.15 -21.90
CA ARG C 269 7.76 -19.68 -23.24
C ARG C 269 7.24 -18.70 -24.27
N LEU C 270 7.85 -18.72 -25.45
CA LEU C 270 7.48 -17.85 -26.55
C LEU C 270 6.94 -18.68 -27.69
N PHE C 271 5.73 -18.37 -28.14
CA PHE C 271 5.09 -19.05 -29.26
C PHE C 271 5.08 -18.15 -30.48
N ASP C 272 4.64 -18.69 -31.60
CA ASP C 272 4.48 -17.93 -32.83
C ASP C 272 3.19 -18.34 -33.51
N LEU C 273 2.47 -17.34 -34.03
CA LEU C 273 1.17 -17.62 -34.64
C LEU C 273 1.34 -18.38 -35.96
N ARG C 274 2.29 -17.94 -36.79
CA ARG C 274 2.47 -18.58 -38.09
C ARG C 274 3.04 -20.00 -37.95
N ALA C 275 4.10 -20.15 -37.15
CA ALA C 275 4.69 -21.47 -36.97
C ALA C 275 3.79 -22.39 -36.15
N ASP C 276 3.03 -21.82 -35.20
CA ASP C 276 2.05 -22.53 -34.39
C ASP C 276 2.76 -23.63 -33.60
N GLN C 277 3.72 -23.21 -32.78
CA GLN C 277 4.47 -24.07 -31.88
C GLN C 277 5.36 -23.20 -31.01
N GLU C 278 5.95 -23.84 -29.99
CA GLU C 278 6.89 -23.14 -29.11
C GLU C 278 8.14 -22.74 -29.87
N LEU C 279 8.69 -21.59 -29.50
CA LEU C 279 9.89 -21.07 -30.15
C LEU C 279 11.05 -20.91 -29.19
N MET C 280 10.82 -20.30 -28.03
CA MET C 280 11.88 -20.08 -27.05
C MET C 280 11.35 -20.39 -25.66
N THR C 281 12.28 -20.76 -24.77
CA THR C 281 11.96 -21.09 -23.39
C THR C 281 12.83 -20.26 -22.47
N TYR C 282 12.21 -19.62 -21.48
CA TYR C 282 12.88 -18.70 -20.56
C TYR C 282 12.76 -19.26 -19.14
N SER C 283 13.71 -20.11 -18.77
CA SER C 283 13.73 -20.71 -17.46
C SER C 283 15.17 -20.88 -17.00
N HIS C 284 15.35 -21.05 -15.69
CA HIS C 284 16.66 -21.31 -15.12
C HIS C 284 16.51 -22.35 -14.01
N ASP C 285 17.62 -23.02 -13.72
CA ASP C 285 17.62 -24.06 -12.69
C ASP C 285 17.35 -23.45 -11.31
N ASN C 286 17.88 -22.27 -11.04
CA ASN C 286 17.68 -21.62 -9.76
C ASN C 286 16.28 -21.05 -9.57
N ILE C 287 15.48 -21.00 -10.64
CA ILE C 287 14.11 -20.47 -10.57
C ILE C 287 13.16 -21.64 -10.43
N ILE C 288 12.39 -21.65 -9.34
CA ILE C 288 11.48 -22.77 -9.05
C ILE C 288 10.09 -22.27 -8.68
N CYS C 289 9.81 -20.99 -8.93
CA CYS C 289 8.54 -20.39 -8.54
C CYS C 289 7.76 -19.94 -9.77
N GLY C 290 6.44 -19.83 -9.61
CA GLY C 290 5.60 -19.48 -10.72
C GLY C 290 5.72 -18.03 -11.14
N ILE C 291 5.29 -17.77 -12.38
CA ILE C 291 5.34 -16.44 -12.97
C ILE C 291 3.97 -15.80 -12.85
N THR C 292 3.91 -14.58 -12.32
CA THR C 292 2.64 -13.89 -12.16
C THR C 292 2.31 -13.00 -13.36
N SER C 293 3.29 -12.30 -13.92
CA SER C 293 3.05 -11.36 -15.00
C SER C 293 4.19 -11.41 -15.99
N VAL C 294 3.89 -11.04 -17.24
CA VAL C 294 4.88 -10.91 -18.29
C VAL C 294 4.62 -9.61 -19.05
N SER C 295 5.67 -9.08 -19.67
CA SER C 295 5.54 -7.87 -20.47
C SER C 295 6.73 -7.78 -21.41
N PHE C 296 6.54 -7.08 -22.52
CA PHE C 296 7.57 -6.87 -23.53
C PHE C 296 8.01 -5.41 -23.55
N SER C 297 9.10 -5.15 -24.26
CA SER C 297 9.57 -3.79 -24.47
C SER C 297 9.05 -3.28 -25.81
N LYS C 298 9.43 -2.04 -26.16
CA LYS C 298 8.95 -1.46 -27.41
C LYS C 298 9.49 -2.21 -28.62
N SER C 299 10.78 -2.56 -28.61
CA SER C 299 11.36 -3.32 -29.71
C SER C 299 11.16 -4.82 -29.58
N GLY C 300 10.60 -5.28 -28.46
CA GLY C 300 10.47 -6.70 -28.23
C GLY C 300 11.78 -7.39 -27.92
N ARG C 301 12.79 -6.65 -27.49
CA ARG C 301 14.09 -7.23 -27.16
C ARG C 301 14.18 -7.67 -25.71
N LEU C 302 13.45 -7.02 -24.81
CA LEU C 302 13.46 -7.36 -23.39
C LEU C 302 12.11 -7.95 -23.01
N LEU C 303 12.14 -9.11 -22.36
CA LEU C 303 10.94 -9.75 -21.82
C LEU C 303 11.02 -9.66 -20.30
N LEU C 304 10.14 -8.88 -19.71
CA LEU C 304 10.08 -8.69 -18.27
C LEU C 304 9.03 -9.62 -17.69
N ALA C 305 9.39 -10.30 -16.61
CA ALA C 305 8.49 -11.26 -15.98
C ALA C 305 8.56 -11.13 -14.47
N GLY C 306 7.40 -11.03 -13.83
CA GLY C 306 7.34 -11.05 -12.38
C GLY C 306 7.26 -12.48 -11.86
N TYR C 307 7.88 -12.71 -10.71
CA TYR C 307 8.01 -14.04 -10.14
C TYR C 307 7.50 -14.03 -8.71
N ASP C 308 7.61 -15.18 -8.05
CA ASP C 308 7.33 -15.31 -6.63
C ASP C 308 8.60 -15.32 -5.78
N ASP C 309 9.76 -15.04 -6.38
CA ASP C 309 10.98 -14.77 -5.63
C ASP C 309 11.00 -13.37 -5.05
N PHE C 310 9.84 -12.70 -5.02
CA PHE C 310 9.71 -11.31 -4.59
C PHE C 310 10.45 -10.36 -5.52
N ASN C 311 10.74 -10.81 -6.74
CA ASN C 311 11.60 -10.08 -7.66
C ASN C 311 10.92 -10.01 -9.02
N CYS C 312 11.66 -9.52 -10.01
CA CYS C 312 11.18 -9.43 -11.38
C CYS C 312 12.40 -9.56 -12.28
N ASN C 313 12.47 -10.64 -13.04
CA ASN C 313 13.65 -10.95 -13.83
C ASN C 313 13.47 -10.44 -15.26
N VAL C 314 14.49 -9.75 -15.76
CA VAL C 314 14.50 -9.24 -17.12
C VAL C 314 15.18 -10.26 -18.02
N TRP C 315 14.48 -10.68 -19.07
CA TRP C 315 14.97 -11.70 -19.98
C TRP C 315 15.24 -11.10 -21.35
N ASP C 316 16.34 -11.51 -21.95
CA ASP C 316 16.57 -11.24 -23.37
C ASP C 316 15.61 -12.12 -24.17
N ALA C 317 14.76 -11.50 -24.98
CA ALA C 317 13.74 -12.27 -25.71
C ALA C 317 14.38 -13.11 -26.81
N LEU C 318 15.37 -12.58 -27.51
CA LEU C 318 16.02 -13.32 -28.58
C LEU C 318 16.91 -14.44 -28.07
N LYS C 319 17.38 -14.35 -26.83
CA LYS C 319 18.26 -15.34 -26.24
C LYS C 319 17.53 -16.05 -25.10
N ALA C 320 18.26 -16.91 -24.39
CA ALA C 320 17.73 -17.57 -23.20
C ALA C 320 18.40 -17.06 -21.93
N ASP C 321 19.05 -15.91 -21.97
CA ASP C 321 19.86 -15.41 -20.87
C ASP C 321 19.13 -14.28 -20.15
N ARG C 322 19.20 -14.31 -18.83
CA ARG C 322 18.68 -13.21 -18.03
C ARG C 322 19.56 -11.97 -18.22
N ALA C 323 18.92 -10.81 -18.19
CA ALA C 323 19.61 -9.54 -18.42
C ALA C 323 19.55 -8.59 -17.24
N GLY C 324 18.70 -8.82 -16.26
CA GLY C 324 18.62 -7.93 -15.12
C GLY C 324 17.60 -8.43 -14.14
N VAL C 325 17.56 -7.77 -12.97
CA VAL C 325 16.65 -8.13 -11.89
C VAL C 325 16.07 -6.84 -11.32
N LEU C 326 14.76 -6.83 -11.10
CA LEU C 326 14.09 -5.72 -10.43
C LEU C 326 13.78 -6.15 -9.00
N ALA C 327 14.76 -5.98 -8.13
CA ALA C 327 14.73 -6.53 -6.77
C ALA C 327 14.28 -5.51 -5.73
N GLY C 328 13.42 -4.57 -6.11
CA GLY C 328 12.98 -3.56 -5.17
C GLY C 328 11.77 -3.91 -4.34
N HIS C 329 11.24 -5.12 -4.51
CA HIS C 329 10.02 -5.50 -3.78
C HIS C 329 10.29 -6.57 -2.74
N ASP C 330 9.62 -6.45 -1.59
CA ASP C 330 9.81 -7.42 -0.53
C ASP C 330 8.67 -8.43 -0.46
N ASN C 331 7.84 -8.45 -1.51
CA ASN C 331 6.72 -9.38 -1.55
C ASN C 331 6.51 -9.86 -2.97
N ARG C 332 5.59 -10.80 -3.17
CA ARG C 332 5.40 -11.36 -4.51
C ARG C 332 4.94 -10.29 -5.49
N VAL C 333 5.63 -10.20 -6.63
CA VAL C 333 5.28 -9.24 -7.68
C VAL C 333 4.06 -9.77 -8.42
N SER C 334 2.94 -9.06 -8.33
CA SER C 334 1.68 -9.52 -8.88
C SER C 334 1.37 -8.94 -10.26
N CYS C 335 1.80 -7.71 -10.54
CA CYS C 335 1.48 -7.06 -11.80
C CYS C 335 2.71 -6.31 -12.32
N LEU C 336 2.69 -6.05 -13.63
CA LEU C 336 3.85 -5.52 -14.33
C LEU C 336 3.41 -4.98 -15.68
N GLY C 337 4.04 -3.90 -16.13
CA GLY C 337 3.72 -3.32 -17.42
C GLY C 337 4.74 -2.30 -17.85
N VAL C 338 4.73 -2.02 -19.15
CA VAL C 338 5.65 -1.08 -19.78
C VAL C 338 4.81 -0.01 -20.47
N THR C 339 5.29 1.23 -20.43
CA THR C 339 4.57 2.35 -21.03
C THR C 339 4.55 2.23 -22.55
N ASP C 340 3.65 3.00 -23.16
CA ASP C 340 3.50 2.97 -24.61
C ASP C 340 4.69 3.58 -25.33
N ASP C 341 5.37 4.54 -24.70
CA ASP C 341 6.61 5.08 -25.25
C ASP C 341 7.83 4.32 -24.77
N GLY C 342 7.66 3.31 -23.91
CA GLY C 342 8.75 2.46 -23.50
C GLY C 342 9.75 3.09 -22.55
N MET C 343 9.41 4.23 -21.96
CA MET C 343 10.36 4.95 -21.12
C MET C 343 10.34 4.51 -19.66
N ALA C 344 9.39 3.68 -19.26
CA ALA C 344 9.30 3.30 -17.85
C ALA C 344 8.63 1.93 -17.74
N VAL C 345 8.85 1.30 -16.58
CA VAL C 345 8.24 0.04 -16.22
C VAL C 345 7.70 0.16 -14.80
N ALA C 346 6.42 -0.15 -14.62
CA ALA C 346 5.79 -0.13 -13.31
C ALA C 346 5.53 -1.56 -12.85
N THR C 347 5.97 -1.88 -11.64
CA THR C 347 5.74 -3.19 -11.05
C THR C 347 4.97 -3.02 -9.75
N GLY C 348 3.84 -3.70 -9.64
CA GLY C 348 3.15 -3.83 -8.38
C GLY C 348 3.49 -5.14 -7.71
N SER C 349 3.12 -5.24 -6.44
CA SER C 349 3.44 -6.43 -5.66
C SER C 349 2.51 -6.50 -4.46
N TRP C 350 2.65 -7.58 -3.69
CA TRP C 350 1.83 -7.81 -2.51
C TRP C 350 2.29 -6.99 -1.30
N ASP C 351 3.40 -6.26 -1.43
CA ASP C 351 3.86 -5.35 -0.38
C ASP C 351 3.16 -3.99 -0.44
N SER C 352 2.14 -3.85 -1.29
CA SER C 352 1.31 -2.65 -1.38
C SER C 352 2.09 -1.44 -1.89
N PHE C 353 2.98 -1.66 -2.84
CA PHE C 353 3.74 -0.57 -3.43
C PHE C 353 3.87 -0.77 -4.94
N LEU C 354 3.97 0.34 -5.65
CA LEU C 354 4.26 0.35 -7.09
C LEU C 354 5.54 1.13 -7.31
N LYS C 355 6.45 0.58 -8.10
CA LYS C 355 7.73 1.21 -8.38
C LYS C 355 7.89 1.38 -9.87
N ILE C 356 8.38 2.55 -10.27
CA ILE C 356 8.61 2.88 -11.68
C ILE C 356 10.10 2.81 -11.94
N TRP C 357 10.50 2.04 -12.94
CA TRP C 357 11.90 1.75 -13.22
C TRP C 357 12.27 2.29 -14.60
N ASN C 358 13.41 2.97 -14.67
CA ASN C 358 13.87 3.55 -15.93
C ASN C 358 15.24 2.99 -16.32
N ALA D 12 -18.54 -34.63 -29.90
CA ALA D 12 -17.25 -34.95 -30.50
C ALA D 12 -17.14 -34.45 -31.93
N ARG D 13 -18.26 -34.28 -32.62
CA ARG D 13 -18.22 -33.79 -34.00
C ARG D 13 -17.68 -32.37 -34.07
N LYS D 14 -18.05 -31.52 -33.11
CA LYS D 14 -17.55 -30.16 -33.09
C LYS D 14 -16.04 -30.13 -32.87
N LEU D 15 -15.53 -30.99 -31.98
CA LEU D 15 -14.10 -31.02 -31.70
C LEU D 15 -13.30 -31.43 -32.93
N VAL D 16 -13.72 -32.51 -33.60
CA VAL D 16 -12.99 -32.97 -34.77
C VAL D 16 -13.14 -31.99 -35.94
N GLU D 17 -14.29 -31.33 -36.05
CA GLU D 17 -14.46 -30.31 -37.09
C GLU D 17 -13.53 -29.12 -36.84
N GLN D 18 -13.43 -28.68 -35.59
CA GLN D 18 -12.52 -27.58 -35.26
C GLN D 18 -11.07 -27.99 -35.48
N LEU D 19 -10.73 -29.24 -35.16
CA LEU D 19 -9.37 -29.72 -35.42
C LEU D 19 -9.05 -29.76 -36.90
N LYS D 20 -10.02 -30.21 -37.72
CA LYS D 20 -9.81 -30.27 -39.16
C LYS D 20 -9.67 -28.87 -39.76
N MET D 21 -10.50 -27.93 -39.30
CA MET D 21 -10.37 -26.54 -39.75
C MET D 21 -9.07 -25.90 -39.25
N GLU D 22 -8.56 -26.36 -38.11
CA GLU D 22 -7.30 -25.86 -37.57
C GLU D 22 -6.10 -26.45 -38.31
N ALA D 23 -6.31 -27.42 -39.20
CA ALA D 23 -5.19 -28.00 -39.93
C ALA D 23 -4.66 -27.05 -40.99
N ASN D 24 -5.54 -26.28 -41.63
CA ASN D 24 -5.15 -25.40 -42.73
C ASN D 24 -4.69 -24.07 -42.18
N ILE D 25 -3.39 -23.99 -41.89
CA ILE D 25 -2.78 -22.73 -41.44
C ILE D 25 -1.71 -22.23 -42.39
N ASP D 26 -1.14 -23.10 -43.23
CA ASP D 26 -0.01 -22.76 -44.12
C ASP D 26 1.18 -22.26 -43.32
N ARG D 27 1.59 -23.07 -42.33
CA ARG D 27 2.78 -22.77 -41.56
C ARG D 27 4.02 -22.90 -42.45
N ILE D 28 4.82 -21.84 -42.52
CA ILE D 28 5.96 -21.80 -43.43
C ILE D 28 7.13 -21.10 -42.75
N LYS D 29 8.33 -21.64 -42.99
CA LYS D 29 9.60 -20.94 -42.79
C LYS D 29 9.78 -20.52 -41.32
N VAL D 30 9.97 -21.54 -40.47
CA VAL D 30 10.26 -21.29 -39.07
C VAL D 30 11.55 -20.47 -38.91
N SER D 31 12.52 -20.70 -39.79
CA SER D 31 13.71 -19.85 -39.80
C SER D 31 13.33 -18.41 -40.09
N LYS D 32 12.42 -18.19 -41.04
CA LYS D 32 11.91 -16.84 -41.26
C LYS D 32 11.00 -16.40 -40.12
N ALA D 33 10.33 -17.35 -39.44
CA ALA D 33 9.52 -16.99 -38.28
C ALA D 33 10.38 -16.47 -37.13
N ALA D 34 11.64 -16.87 -37.08
CA ALA D 34 12.60 -16.31 -36.13
C ALA D 34 13.25 -15.04 -36.66
N ALA D 35 13.56 -15.01 -37.96
CA ALA D 35 14.12 -13.81 -38.57
C ALA D 35 13.16 -12.64 -38.54
N ASP D 36 11.86 -12.89 -38.46
CA ASP D 36 10.89 -11.80 -38.33
C ASP D 36 11.04 -11.08 -36.99
N LEU D 37 11.12 -11.86 -35.91
CA LEU D 37 11.38 -11.25 -34.59
C LEU D 37 12.76 -10.62 -34.55
N MET D 38 13.74 -11.25 -35.23
CA MET D 38 15.07 -10.67 -35.35
C MET D 38 15.01 -9.28 -35.98
N ALA D 39 14.30 -9.16 -37.10
CA ALA D 39 14.22 -7.90 -37.82
C ALA D 39 13.43 -6.86 -37.04
N TYR D 40 12.37 -7.28 -36.35
CA TYR D 40 11.61 -6.33 -35.55
C TYR D 40 12.43 -5.80 -34.39
N CYS D 41 13.23 -6.67 -33.74
CA CYS D 41 14.09 -6.20 -32.66
C CYS D 41 15.23 -5.35 -33.17
N GLU D 42 15.73 -5.63 -34.38
CA GLU D 42 16.84 -4.86 -34.91
C GLU D 42 16.39 -3.47 -35.37
N ALA D 43 15.25 -3.39 -36.04
CA ALA D 43 14.82 -2.13 -36.64
C ALA D 43 14.34 -1.13 -35.59
N HIS D 44 13.78 -1.61 -34.48
CA HIS D 44 13.25 -0.74 -33.44
C HIS D 44 14.19 -0.63 -32.24
N ALA D 45 15.45 -1.04 -32.41
CA ALA D 45 16.39 -1.02 -31.29
C ALA D 45 16.66 0.40 -30.79
N LYS D 46 16.82 1.35 -31.71
CA LYS D 46 17.08 2.73 -31.31
C LYS D 46 15.88 3.40 -30.66
N GLU D 47 14.66 2.96 -31.01
CA GLU D 47 13.46 3.57 -30.45
C GLU D 47 13.22 3.13 -29.00
N ASP D 48 13.80 2.02 -28.58
CA ASP D 48 13.57 1.50 -27.24
C ASP D 48 14.38 2.28 -26.21
N PRO D 49 13.74 2.95 -25.25
CA PRO D 49 14.53 3.66 -24.24
C PRO D 49 15.16 2.74 -23.21
N LEU D 50 14.55 1.59 -22.92
CA LEU D 50 15.10 0.67 -21.93
C LEU D 50 16.36 -0.01 -22.46
N LEU D 51 16.40 -0.31 -23.76
CA LEU D 51 17.57 -0.95 -24.34
C LEU D 51 18.78 -0.02 -24.30
N THR D 52 18.60 1.22 -24.76
CA THR D 52 19.64 2.23 -24.70
C THR D 52 19.18 3.34 -23.74
N PRO D 53 19.67 3.36 -22.51
CA PRO D 53 19.15 4.33 -21.52
C PRO D 53 19.38 5.77 -21.95
N VAL D 54 18.38 6.60 -21.68
CA VAL D 54 18.40 8.01 -22.08
C VAL D 54 19.10 8.84 -21.01
N PRO D 55 19.66 9.99 -21.35
CA PRO D 55 20.25 10.86 -20.32
C PRO D 55 19.17 11.42 -19.40
N ALA D 56 19.61 11.84 -18.20
CA ALA D 56 18.69 12.37 -17.20
C ALA D 56 18.03 13.67 -17.63
N SER D 57 18.64 14.42 -18.56
CA SER D 57 18.02 15.64 -19.04
C SER D 57 16.76 15.35 -19.85
N GLU D 58 16.79 14.29 -20.66
CA GLU D 58 15.65 13.90 -21.48
C GLU D 58 14.77 12.86 -20.80
N ASN D 59 15.07 12.48 -19.57
CA ASN D 59 14.28 11.48 -18.87
C ASN D 59 13.13 12.14 -18.11
N PRO D 60 11.88 11.75 -18.34
CA PRO D 60 10.78 12.23 -17.50
C PRO D 60 10.97 11.96 -16.02
N PHE D 61 11.72 10.92 -15.66
CA PHE D 61 11.88 10.54 -14.26
C PHE D 61 13.28 10.86 -13.75
N VAL E 22 -25.20 21.00 -13.80
CA VAL E 22 -24.38 22.02 -13.14
C VAL E 22 -25.14 23.34 -13.11
N GLN E 23 -25.15 23.98 -11.94
CA GLN E 23 -25.92 25.21 -11.76
C GLN E 23 -25.32 25.98 -10.60
N LEU E 24 -24.73 27.15 -10.89
CA LEU E 24 -24.23 28.07 -9.88
C LEU E 24 -25.12 29.30 -9.85
N VAL E 25 -25.72 29.58 -8.71
CA VAL E 25 -26.65 30.69 -8.55
C VAL E 25 -26.23 31.51 -7.34
N GLU E 26 -26.10 32.83 -7.53
CA GLU E 26 -25.73 33.73 -6.45
C GLU E 26 -26.93 34.58 -6.03
N SER E 27 -26.73 35.36 -4.98
CA SER E 27 -27.76 36.24 -4.46
C SER E 27 -27.08 37.30 -3.58
N GLY E 28 -27.89 38.09 -2.87
CA GLY E 28 -27.35 39.06 -1.94
C GLY E 28 -26.76 40.29 -2.56
N GLY E 29 -27.18 40.68 -3.76
CA GLY E 29 -26.68 41.86 -4.43
C GLY E 29 -27.72 42.96 -4.43
N GLY E 30 -27.27 44.18 -4.17
CA GLY E 30 -28.17 45.31 -4.12
C GLY E 30 -27.44 46.60 -3.85
N LEU E 31 -28.21 47.63 -3.53
CA LEU E 31 -27.66 48.93 -3.24
C LEU E 31 -26.98 48.92 -1.87
N VAL E 32 -25.76 49.44 -1.82
CA VAL E 32 -24.98 49.50 -0.59
C VAL E 32 -24.51 50.93 -0.38
N GLN E 33 -24.79 51.48 0.80
CA GLN E 33 -24.30 52.81 1.13
C GLN E 33 -22.79 52.74 1.40
N PRO E 34 -22.06 53.81 1.08
CA PRO E 34 -20.62 53.81 1.35
C PRO E 34 -20.33 53.65 2.82
N GLY E 35 -19.31 52.85 3.13
CA GLY E 35 -18.98 52.51 4.50
C GLY E 35 -19.80 51.38 5.08
N GLY E 36 -20.76 50.84 4.34
CA GLY E 36 -21.58 49.75 4.81
C GLY E 36 -20.93 48.40 4.57
N SER E 37 -21.74 47.35 4.73
CA SER E 37 -21.26 46.00 4.55
C SER E 37 -22.36 45.13 3.98
N ARG E 38 -21.96 44.11 3.22
CA ARG E 38 -22.88 43.14 2.67
C ARG E 38 -22.14 41.83 2.46
N LYS E 39 -22.91 40.74 2.34
CA LYS E 39 -22.35 39.42 2.08
C LYS E 39 -22.94 38.86 0.80
N LEU E 40 -22.12 38.12 0.06
CA LEU E 40 -22.53 37.45 -1.16
C LEU E 40 -22.54 35.95 -0.91
N SER E 41 -23.59 35.28 -1.36
CA SER E 41 -23.73 33.83 -1.21
C SER E 41 -23.84 33.19 -2.58
N CYS E 42 -23.23 32.01 -2.72
CA CYS E 42 -23.30 31.23 -3.94
C CYS E 42 -23.99 29.90 -3.65
N SER E 43 -25.02 29.59 -4.41
CA SER E 43 -25.75 28.33 -4.29
C SER E 43 -25.36 27.43 -5.46
N ALA E 44 -24.90 26.22 -5.14
CA ALA E 44 -24.39 25.30 -6.14
C ALA E 44 -25.16 23.98 -6.08
N SER E 45 -25.37 23.37 -7.24
CA SER E 45 -26.04 22.08 -7.33
C SER E 45 -25.64 21.41 -8.63
N GLY E 46 -25.83 20.09 -8.67
CA GLY E 46 -25.56 19.33 -9.88
C GLY E 46 -24.12 18.89 -10.06
N PHE E 47 -23.26 19.10 -9.07
CA PHE E 47 -21.86 18.69 -9.18
C PHE E 47 -21.28 18.57 -7.77
N ALA E 48 -20.15 17.87 -7.68
CA ALA E 48 -19.49 17.60 -6.41
C ALA E 48 -18.79 18.89 -5.95
N PHE E 49 -19.48 19.63 -5.07
CA PHE E 49 -18.97 20.94 -4.64
C PHE E 49 -17.67 20.81 -3.85
N SER E 50 -17.55 19.78 -3.01
CA SER E 50 -16.40 19.68 -2.12
C SER E 50 -15.09 19.42 -2.87
N SER E 51 -15.16 18.78 -4.03
CA SER E 51 -13.95 18.49 -4.80
C SER E 51 -13.52 19.65 -5.68
N PHE E 52 -14.29 20.74 -5.72
CA PHE E 52 -14.02 21.86 -6.59
C PHE E 52 -13.50 23.06 -5.80
N GLY E 53 -12.43 23.68 -6.30
CA GLY E 53 -12.04 24.98 -5.81
C GLY E 53 -12.92 26.06 -6.41
N MET E 54 -13.08 27.15 -5.67
CA MET E 54 -14.07 28.16 -6.01
C MET E 54 -13.40 29.50 -6.25
N HIS E 55 -14.06 30.33 -7.08
CA HIS E 55 -13.54 31.64 -7.46
C HIS E 55 -14.64 32.68 -7.32
N TRP E 56 -14.22 33.94 -7.18
CA TRP E 56 -15.10 35.09 -7.28
C TRP E 56 -14.50 36.03 -8.31
N VAL E 57 -15.25 36.34 -9.36
CA VAL E 57 -14.79 37.20 -10.44
C VAL E 57 -15.76 38.37 -10.57
N ARG E 58 -15.20 39.57 -10.66
CA ARG E 58 -15.96 40.82 -10.68
C ARG E 58 -15.89 41.43 -12.07
N GLN E 59 -16.98 42.04 -12.51
CA GLN E 59 -17.01 42.77 -13.77
C GLN E 59 -17.69 44.11 -13.55
N ALA E 60 -16.94 45.19 -13.74
CA ALA E 60 -17.53 46.52 -13.70
C ALA E 60 -18.39 46.75 -14.94
N PRO E 61 -19.32 47.70 -14.87
CA PRO E 61 -20.13 48.02 -16.07
C PRO E 61 -19.33 48.52 -17.26
N GLU E 62 -18.02 48.72 -17.11
CA GLU E 62 -17.14 49.09 -18.22
C GLU E 62 -16.65 47.88 -19.02
N LYS E 63 -17.34 46.74 -18.90
CA LYS E 63 -17.03 45.52 -19.65
C LYS E 63 -15.60 45.05 -19.39
N GLY E 64 -15.22 45.02 -18.11
CA GLY E 64 -13.91 44.55 -17.72
C GLY E 64 -13.96 43.55 -16.59
N LEU E 65 -13.49 42.33 -16.83
CA LEU E 65 -13.50 41.29 -15.82
C LEU E 65 -12.32 41.45 -14.87
N GLU E 66 -12.57 41.21 -13.58
CA GLU E 66 -11.56 41.36 -12.54
C GLU E 66 -11.74 40.29 -11.49
N TRP E 67 -10.65 39.60 -11.15
CA TRP E 67 -10.69 38.53 -10.14
C TRP E 67 -10.64 39.12 -8.74
N VAL E 68 -11.39 38.51 -7.82
CA VAL E 68 -11.53 39.01 -6.45
C VAL E 68 -10.85 38.09 -5.44
N ALA E 69 -11.33 36.85 -5.32
CA ALA E 69 -10.84 35.95 -4.29
C ALA E 69 -10.94 34.52 -4.77
N TYR E 70 -10.18 33.65 -4.12
CA TYR E 70 -10.13 32.23 -4.45
C TYR E 70 -10.05 31.41 -3.17
N ILE E 71 -10.72 30.28 -3.15
CA ILE E 71 -10.62 29.32 -2.06
C ILE E 71 -10.44 27.93 -2.65
N SER E 72 -9.56 27.14 -2.04
CA SER E 72 -9.23 25.83 -2.58
C SER E 72 -10.20 24.78 -2.05
N SER E 73 -10.12 23.58 -2.65
CA SER E 73 -10.96 22.48 -2.21
C SER E 73 -10.55 22.02 -0.82
N GLY E 74 -11.53 21.94 0.08
CA GLY E 74 -11.25 21.66 1.47
C GLY E 74 -10.92 22.86 2.32
N SER E 75 -11.11 24.08 1.79
CA SER E 75 -10.85 25.33 2.51
C SER E 75 -9.40 25.41 2.98
N GLY E 76 -8.48 25.25 2.03
CA GLY E 76 -7.07 25.35 2.33
C GLY E 76 -6.47 26.67 1.91
N THR E 77 -5.83 26.68 0.74
CA THR E 77 -5.26 27.90 0.19
C THR E 77 -6.36 28.92 -0.09
N ILE E 78 -6.13 30.16 0.34
CA ILE E 78 -7.04 31.27 0.09
C ILE E 78 -6.22 32.43 -0.46
N TYR E 79 -6.70 33.05 -1.53
CA TYR E 79 -6.08 34.22 -2.12
C TYR E 79 -7.09 35.34 -2.21
N TYR E 80 -6.59 36.58 -2.21
CA TYR E 80 -7.42 37.77 -2.32
C TYR E 80 -6.82 38.71 -3.35
N ALA E 81 -7.66 39.56 -3.91
CA ALA E 81 -7.20 40.53 -4.90
C ALA E 81 -6.35 41.61 -4.22
N ASP E 82 -5.55 42.29 -5.04
CA ASP E 82 -4.70 43.35 -4.53
C ASP E 82 -5.50 44.56 -4.07
N THR E 83 -6.76 44.67 -4.46
CA THR E 83 -7.59 45.83 -4.15
C THR E 83 -8.67 45.54 -3.11
N VAL E 84 -8.85 44.28 -2.71
CA VAL E 84 -9.88 43.92 -1.75
C VAL E 84 -9.32 43.20 -0.52
N LYS E 85 -7.99 43.02 -0.45
CA LYS E 85 -7.40 42.27 0.65
C LYS E 85 -7.64 42.98 1.97
N GLY E 86 -8.03 42.22 2.98
CA GLY E 86 -8.40 42.77 4.27
C GLY E 86 -9.84 43.20 4.36
N ARG E 87 -10.32 43.91 3.34
CA ARG E 87 -11.71 44.33 3.30
C ARG E 87 -12.65 43.15 3.09
N PHE E 88 -12.28 42.23 2.22
CA PHE E 88 -13.16 41.14 1.82
C PHE E 88 -12.81 39.86 2.57
N THR E 89 -13.75 38.92 2.58
CA THR E 89 -13.53 37.61 3.18
C THR E 89 -14.30 36.58 2.36
N ILE E 90 -13.63 35.47 2.02
CA ILE E 90 -14.25 34.39 1.25
C ILE E 90 -14.27 33.14 2.12
N SER E 91 -15.45 32.53 2.23
CA SER E 91 -15.63 31.35 3.05
C SER E 91 -16.64 30.44 2.38
N ARG E 92 -16.65 29.18 2.81
CA ARG E 92 -17.56 28.20 2.23
C ARG E 92 -17.87 27.12 3.26
N ASP E 93 -18.99 26.43 3.03
CA ASP E 93 -19.33 25.23 3.78
C ASP E 93 -19.83 24.13 2.84
N ASP E 94 -19.02 23.09 2.71
CA ASP E 94 -19.32 22.02 1.75
C ASP E 94 -20.61 21.25 2.04
N PRO E 95 -20.94 20.87 3.29
CA PRO E 95 -22.22 20.17 3.49
C PRO E 95 -23.44 20.93 3.02
N LYS E 96 -23.47 22.26 3.17
CA LYS E 96 -24.57 23.05 2.67
C LYS E 96 -24.42 23.45 1.21
N ASN E 97 -23.25 23.17 0.60
CA ASN E 97 -22.97 23.50 -0.79
C ASN E 97 -23.17 24.99 -1.07
N THR E 98 -22.64 25.82 -0.18
CA THR E 98 -22.77 27.27 -0.29
C THR E 98 -21.40 27.93 -0.16
N LEU E 99 -21.15 28.93 -1.00
CA LEU E 99 -19.92 29.69 -1.00
C LEU E 99 -20.23 31.14 -0.65
N PHE E 100 -19.50 31.69 0.31
CA PHE E 100 -19.78 33.02 0.85
C PHE E 100 -18.69 34.01 0.46
N LEU E 101 -19.07 35.29 0.46
CA LEU E 101 -18.12 36.38 0.25
C LEU E 101 -18.60 37.57 1.07
N GLN E 102 -17.94 37.82 2.20
CA GLN E 102 -18.28 38.93 3.08
C GLN E 102 -17.42 40.13 2.73
N MET E 103 -18.05 41.24 2.36
CA MET E 103 -17.35 42.47 2.02
C MET E 103 -17.75 43.57 3.00
N THR E 104 -16.74 44.29 3.50
CA THR E 104 -16.95 45.34 4.49
C THR E 104 -16.34 46.64 4.00
N SER E 105 -16.97 47.75 4.37
CA SER E 105 -16.57 49.09 3.98
C SER E 105 -16.47 49.22 2.46
N LEU E 106 -17.62 49.05 1.81
CA LEU E 106 -17.68 49.05 0.36
C LEU E 106 -17.39 50.45 -0.18
N ARG E 107 -16.61 50.52 -1.25
CA ARG E 107 -16.27 51.77 -1.90
C ARG E 107 -16.99 51.89 -3.24
N SER E 108 -16.87 53.06 -3.86
CA SER E 108 -17.47 53.29 -5.17
C SER E 108 -16.83 52.45 -6.25
N GLU E 109 -15.59 51.98 -6.04
CA GLU E 109 -14.95 51.07 -6.97
C GLU E 109 -15.46 49.65 -6.86
N ASP E 110 -16.29 49.35 -5.85
CA ASP E 110 -16.88 48.03 -5.67
C ASP E 110 -18.25 47.91 -6.34
N THR E 111 -18.67 48.91 -7.09
CA THR E 111 -19.95 48.88 -7.79
C THR E 111 -19.78 48.06 -9.06
N ALA E 112 -20.10 46.77 -8.97
CA ALA E 112 -19.92 45.85 -10.08
C ALA E 112 -20.75 44.59 -9.81
N MET E 113 -20.73 43.67 -10.75
CA MET E 113 -21.49 42.42 -10.66
C MET E 113 -20.51 41.26 -10.57
N TYR E 114 -20.70 40.41 -9.57
CA TYR E 114 -19.74 39.39 -9.17
C TYR E 114 -20.23 38.02 -9.61
N TYR E 115 -19.32 37.21 -10.15
CA TYR E 115 -19.65 35.87 -10.63
C TYR E 115 -19.07 34.81 -9.70
N CYS E 116 -19.76 33.67 -9.66
CA CYS E 116 -19.32 32.49 -8.94
C CYS E 116 -18.79 31.49 -9.96
N VAL E 117 -17.50 31.18 -9.88
CA VAL E 117 -16.83 30.34 -10.87
C VAL E 117 -16.24 29.12 -10.17
N ARG E 118 -16.53 27.94 -10.71
CA ARG E 118 -15.96 26.70 -10.23
C ARG E 118 -14.69 26.37 -11.00
N SER E 119 -13.76 25.68 -10.33
CA SER E 119 -12.46 25.40 -10.92
C SER E 119 -11.82 24.24 -10.17
N ILE E 120 -11.67 23.10 -10.85
CA ILE E 120 -11.03 21.92 -10.28
C ILE E 120 -9.64 21.80 -10.86
N TYR E 121 -8.72 21.27 -10.05
CA TYR E 121 -7.30 21.26 -10.41
C TYR E 121 -6.74 19.86 -10.19
N TYR E 122 -6.45 19.17 -11.29
CA TYR E 122 -5.62 17.98 -11.29
C TYR E 122 -5.00 17.87 -12.68
N TYR E 123 -4.28 16.79 -12.92
CA TYR E 123 -3.61 16.64 -14.20
C TYR E 123 -4.63 16.44 -15.32
N GLY E 124 -4.60 17.33 -16.30
CA GLY E 124 -5.49 17.25 -17.44
C GLY E 124 -6.86 17.85 -17.24
N SER E 125 -7.14 18.42 -16.06
CA SER E 125 -8.44 19.01 -15.80
C SER E 125 -8.62 20.31 -16.57
N SER E 126 -9.87 20.76 -16.66
CA SER E 126 -10.19 22.04 -17.29
C SER E 126 -10.69 22.99 -16.21
N PRO E 127 -9.86 23.91 -15.73
CA PRO E 127 -10.32 24.88 -14.73
C PRO E 127 -11.17 25.97 -15.36
N PHE E 128 -11.87 26.69 -14.48
CA PHE E 128 -12.76 27.80 -14.87
C PHE E 128 -13.82 27.33 -15.88
N ASP E 129 -14.31 26.11 -15.68
CA ASP E 129 -15.17 25.49 -16.69
C ASP E 129 -16.58 26.05 -16.66
N PHE E 130 -17.12 26.33 -15.49
CA PHE E 130 -18.50 26.78 -15.36
C PHE E 130 -18.56 28.13 -14.66
N TRP E 131 -19.42 29.00 -15.15
CA TRP E 131 -19.63 30.33 -14.58
C TRP E 131 -21.09 30.49 -14.17
N GLY E 132 -21.32 31.11 -13.02
CA GLY E 132 -22.66 31.32 -12.54
C GLY E 132 -23.31 32.54 -13.17
N GLN E 133 -24.53 32.81 -12.72
CA GLN E 133 -25.29 34.00 -13.13
C GLN E 133 -25.09 35.05 -12.05
N GLY E 134 -24.23 36.02 -12.34
CA GLY E 134 -23.81 36.95 -11.31
C GLY E 134 -24.89 37.93 -10.90
N THR E 135 -24.76 38.45 -9.68
CA THR E 135 -25.67 39.44 -9.12
C THR E 135 -24.94 40.76 -8.97
N THR E 136 -25.58 41.85 -9.41
CA THR E 136 -24.96 43.15 -9.40
C THR E 136 -24.98 43.76 -8.01
N LEU E 137 -23.92 44.51 -7.69
CA LEU E 137 -23.81 45.24 -6.43
C LEU E 137 -23.67 46.72 -6.75
N THR E 138 -24.45 47.55 -6.06
CA THR E 138 -24.44 48.99 -6.26
C THR E 138 -23.90 49.66 -5.01
N VAL E 139 -22.84 50.46 -5.19
CA VAL E 139 -22.29 51.29 -4.13
C VAL E 139 -22.13 52.70 -4.67
N SER E 140 -22.81 53.65 -4.04
CA SER E 140 -22.80 55.04 -4.53
C SER E 140 -22.12 55.97 -3.52
N ASP E 157 2.56 42.37 -11.81
CA ASP E 157 1.74 41.28 -12.34
C ASP E 157 2.07 40.98 -13.79
N ILE E 158 1.16 40.31 -14.48
CA ILE E 158 1.31 39.97 -15.88
C ILE E 158 0.14 40.62 -16.61
N VAL E 159 0.37 41.80 -17.17
CA VAL E 159 -0.71 42.56 -17.79
C VAL E 159 -1.10 41.91 -19.11
N MET E 160 -2.41 41.83 -19.35
CA MET E 160 -2.95 41.29 -20.60
C MET E 160 -3.41 42.45 -21.47
N THR E 161 -2.95 42.46 -22.72
CA THR E 161 -3.24 43.53 -23.65
C THR E 161 -4.09 43.00 -24.80
N GLN E 162 -5.23 43.65 -25.03
CA GLN E 162 -6.10 43.38 -26.17
C GLN E 162 -6.29 44.70 -26.89
N ALA E 163 -5.37 44.98 -27.83
CA ALA E 163 -5.40 46.27 -28.53
C ALA E 163 -6.65 46.43 -29.36
N THR E 164 -7.08 45.36 -30.04
CA THR E 164 -8.33 45.40 -30.78
C THR E 164 -9.50 45.44 -29.81
N SER E 165 -10.43 46.37 -30.02
CA SER E 165 -11.58 46.55 -29.15
C SER E 165 -12.88 46.18 -29.83
N SER E 166 -13.19 46.79 -30.98
CA SER E 166 -14.39 46.50 -31.74
C SER E 166 -14.00 46.07 -33.14
N VAL E 167 -14.55 44.96 -33.60
CA VAL E 167 -14.26 44.43 -34.92
C VAL E 167 -15.58 44.11 -35.62
N PRO E 168 -15.79 44.57 -36.84
CA PRO E 168 -17.02 44.20 -37.57
C PRO E 168 -17.02 42.72 -37.91
N VAL E 169 -18.08 42.03 -37.50
CA VAL E 169 -18.20 40.58 -37.68
C VAL E 169 -19.06 40.32 -38.90
N THR E 170 -18.52 39.56 -39.85
CA THR E 170 -19.28 39.16 -41.03
C THR E 170 -19.68 37.70 -40.88
N PRO E 171 -20.97 37.39 -40.74
CA PRO E 171 -21.38 35.98 -40.63
C PRO E 171 -21.00 35.19 -41.87
N GLY E 172 -20.57 33.95 -41.65
CA GLY E 172 -20.10 33.10 -42.72
C GLY E 172 -18.64 33.28 -43.08
N GLU E 173 -17.94 34.22 -42.45
CA GLU E 173 -16.54 34.50 -42.74
C GLU E 173 -15.72 34.28 -41.49
N SER E 174 -14.60 33.56 -41.63
CA SER E 174 -13.73 33.27 -40.49
C SER E 174 -13.08 34.54 -39.97
N VAL E 175 -12.99 34.65 -38.64
CA VAL E 175 -12.40 35.80 -37.98
C VAL E 175 -11.26 35.32 -37.09
N SER E 176 -10.48 36.27 -36.59
CA SER E 176 -9.37 35.98 -35.69
C SER E 176 -9.33 37.01 -34.58
N ILE E 177 -9.06 36.55 -33.36
CA ILE E 177 -8.97 37.39 -32.18
C ILE E 177 -7.65 37.10 -31.49
N SER E 178 -6.90 38.15 -31.17
CA SER E 178 -5.57 38.02 -30.58
C SER E 178 -5.53 38.60 -29.18
N CYS E 179 -4.46 38.25 -28.46
CA CYS E 179 -4.22 38.74 -27.11
C CYS E 179 -2.71 38.85 -26.91
N ARG E 180 -2.32 39.63 -25.92
CA ARG E 180 -0.91 39.89 -25.64
C ARG E 180 -0.64 39.76 -24.15
N SER E 181 0.62 39.46 -23.81
CA SER E 181 1.03 39.29 -22.43
C SER E 181 2.39 39.94 -22.22
N SER E 182 2.60 40.49 -21.03
CA SER E 182 3.90 41.07 -20.70
C SER E 182 4.93 40.00 -20.43
N LYS E 183 4.57 38.96 -19.69
CA LYS E 183 5.46 37.88 -19.31
C LYS E 183 5.00 36.59 -19.96
N SER E 184 5.97 35.80 -20.45
CA SER E 184 5.65 34.56 -21.15
C SER E 184 4.95 33.59 -20.22
N LEU E 185 3.85 32.99 -20.70
CA LEU E 185 3.07 32.04 -19.92
C LEU E 185 3.53 30.59 -20.11
N LEU E 186 4.45 30.33 -21.03
CA LEU E 186 4.93 28.98 -21.29
C LEU E 186 5.79 28.55 -20.11
N HIS E 187 5.24 27.69 -19.25
CA HIS E 187 5.97 27.23 -18.08
C HIS E 187 6.93 26.11 -18.45
N SER E 188 7.82 25.77 -17.50
CA SER E 188 8.84 24.76 -17.75
C SER E 188 8.24 23.37 -17.93
N ASN E 189 7.07 23.11 -17.34
CA ASN E 189 6.42 21.81 -17.49
C ASN E 189 5.61 21.70 -18.77
N GLY E 190 5.71 22.68 -19.67
CA GLY E 190 5.04 22.65 -20.94
C GLY E 190 3.63 23.20 -20.96
N ASN E 191 3.09 23.59 -19.81
CA ASN E 191 1.74 24.11 -19.72
C ASN E 191 1.77 25.63 -19.88
N THR E 192 1.14 26.13 -20.94
CA THR E 192 1.01 27.56 -21.19
C THR E 192 -0.41 27.98 -20.81
N TYR E 193 -0.52 28.76 -19.73
CA TYR E 193 -1.81 29.03 -19.10
C TYR E 193 -2.42 30.30 -19.67
N LEU E 194 -3.00 30.18 -20.87
CA LEU E 194 -3.85 31.21 -21.43
C LEU E 194 -5.26 30.66 -21.60
N TYR E 195 -6.23 31.35 -21.03
CA TYR E 195 -7.63 30.93 -21.06
C TYR E 195 -8.42 31.86 -21.96
N TRP E 196 -9.46 31.33 -22.58
CA TRP E 196 -10.33 32.08 -23.47
C TRP E 196 -11.76 32.02 -22.94
N PHE E 197 -12.39 33.19 -22.83
CA PHE E 197 -13.78 33.29 -22.42
C PHE E 197 -14.53 34.16 -23.41
N LEU E 198 -15.74 33.72 -23.77
CA LEU E 198 -16.62 34.47 -24.65
C LEU E 198 -17.84 34.89 -23.84
N GLN E 199 -18.11 36.19 -23.81
CA GLN E 199 -19.22 36.75 -23.04
C GLN E 199 -20.33 37.15 -24.01
N ARG E 200 -21.38 36.33 -24.06
CA ARG E 200 -22.55 36.68 -24.85
C ARG E 200 -23.26 37.87 -24.23
N PRO E 201 -23.97 38.66 -25.04
CA PRO E 201 -24.69 39.82 -24.48
C PRO E 201 -25.80 39.36 -23.52
N GLY E 202 -25.76 39.90 -22.30
CA GLY E 202 -26.69 39.48 -21.26
C GLY E 202 -26.50 38.05 -20.81
N GLN E 203 -25.25 37.59 -20.74
CA GLN E 203 -24.96 36.21 -20.37
C GLN E 203 -23.60 36.14 -19.69
N SER E 204 -23.38 35.03 -19.00
CA SER E 204 -22.11 34.76 -18.34
C SER E 204 -21.04 34.34 -19.33
N PRO E 205 -19.77 34.52 -19.00
CA PRO E 205 -18.70 34.02 -19.87
C PRO E 205 -18.70 32.51 -19.98
N GLN E 206 -18.19 32.02 -21.11
CA GLN E 206 -18.12 30.60 -21.39
C GLN E 206 -16.67 30.22 -21.68
N LEU E 207 -16.19 29.17 -21.03
CA LEU E 207 -14.82 28.72 -21.24
C LEU E 207 -14.73 28.07 -22.61
N LEU E 208 -14.23 28.82 -23.58
CA LEU E 208 -13.99 28.28 -24.92
C LEU E 208 -12.76 27.38 -24.93
N ILE E 209 -11.68 27.81 -24.28
CA ILE E 209 -10.39 27.15 -24.33
C ILE E 209 -9.69 27.37 -23.00
N TYR E 210 -9.25 26.30 -22.36
CA TYR E 210 -8.63 26.43 -21.03
C TYR E 210 -7.12 26.64 -21.11
N ARG E 211 -6.38 25.71 -21.70
CA ARG E 211 -4.98 25.96 -22.01
C ARG E 211 -4.85 26.02 -23.53
N MET E 212 -3.70 26.51 -23.98
CA MET E 212 -3.53 26.80 -25.40
C MET E 212 -3.71 25.55 -26.26
N SER E 213 -4.52 25.69 -27.31
CA SER E 213 -4.87 24.60 -28.22
C SER E 213 -5.53 23.44 -27.48
N ASN E 214 -6.38 23.77 -26.50
CA ASN E 214 -7.13 22.76 -25.74
C ASN E 214 -8.60 23.15 -25.79
N LEU E 215 -9.34 22.51 -26.69
CA LEU E 215 -10.76 22.79 -26.86
C LEU E 215 -11.55 22.22 -25.68
N ALA E 216 -12.47 23.02 -25.16
CA ALA E 216 -13.20 22.67 -23.95
C ALA E 216 -14.35 21.72 -24.28
N SER E 217 -15.21 21.47 -23.30
CA SER E 217 -16.32 20.52 -23.43
C SER E 217 -17.59 21.27 -23.77
N GLY E 218 -18.33 20.78 -24.76
CA GLY E 218 -19.55 21.42 -25.20
C GLY E 218 -19.35 22.56 -26.18
N VAL E 219 -18.12 22.90 -26.50
CA VAL E 219 -17.79 23.99 -27.41
C VAL E 219 -17.61 23.42 -28.81
N PRO E 220 -18.22 24.01 -29.84
CA PRO E 220 -18.08 23.45 -31.19
C PRO E 220 -16.64 23.51 -31.70
N ASP E 221 -16.33 22.59 -32.61
CA ASP E 221 -14.96 22.38 -33.08
C ASP E 221 -14.45 23.52 -33.97
N ARG E 222 -15.31 24.45 -34.39
CA ARG E 222 -14.88 25.52 -35.27
C ARG E 222 -13.92 26.50 -34.59
N PHE E 223 -13.90 26.52 -33.26
CA PHE E 223 -12.94 27.35 -32.53
C PHE E 223 -11.57 26.69 -32.49
N SER E 224 -10.53 27.51 -32.36
CA SER E 224 -9.17 27.00 -32.30
C SER E 224 -8.29 28.06 -31.64
N GLY E 225 -7.32 27.59 -30.84
CA GLY E 225 -6.41 28.48 -30.16
C GLY E 225 -4.97 28.11 -30.44
N SER E 226 -4.13 29.14 -30.53
CA SER E 226 -2.73 28.96 -30.87
C SER E 226 -1.96 30.20 -30.46
N GLY E 227 -0.64 30.09 -30.49
CA GLY E 227 0.22 31.22 -30.18
C GLY E 227 1.53 30.74 -29.56
N SER E 228 2.01 31.51 -28.60
CA SER E 228 3.26 31.19 -27.92
C SER E 228 3.04 31.01 -26.42
N THR E 230 4.90 37.24 -25.81
CA THR E 230 4.11 36.12 -26.30
C THR E 230 2.75 36.58 -26.80
N ALA E 231 2.53 36.42 -28.10
CA ALA E 231 1.31 36.88 -28.76
C ALA E 231 0.46 35.65 -29.09
N PHE E 232 -0.65 35.50 -28.38
CA PHE E 232 -1.57 34.40 -28.59
C PHE E 232 -2.71 34.84 -29.49
N THR E 233 -3.44 33.86 -30.01
CA THR E 233 -4.49 34.12 -30.98
C THR E 233 -5.57 33.06 -30.85
N LEU E 234 -6.83 33.50 -30.92
CA LEU E 234 -7.97 32.61 -31.03
C LEU E 234 -8.57 32.80 -32.42
N THR E 235 -8.68 31.71 -33.17
CA THR E 235 -9.18 31.75 -34.55
C THR E 235 -10.49 30.98 -34.63
N ILE E 236 -11.50 31.59 -35.24
CA ILE E 236 -12.79 30.94 -35.42
C ILE E 236 -13.03 30.68 -36.89
N SER E 237 -12.66 29.50 -37.36
CA SER E 237 -12.89 29.13 -38.75
C SER E 237 -14.38 28.92 -39.00
N ARG E 238 -14.86 29.46 -40.13
CA ARG E 238 -16.25 29.34 -40.56
C ARG E 238 -17.20 29.85 -39.47
N LEU E 239 -17.08 31.15 -39.18
CA LEU E 239 -17.88 31.77 -38.14
C LEU E 239 -19.36 31.76 -38.52
N GLU E 240 -20.21 31.42 -37.55
CA GLU E 240 -21.65 31.41 -37.72
C GLU E 240 -22.27 32.41 -36.74
N ALA E 241 -23.60 32.40 -36.67
CA ALA E 241 -24.30 33.26 -35.72
C ALA E 241 -24.19 32.67 -34.32
N GLU E 242 -24.80 33.37 -33.36
CA GLU E 242 -24.85 32.97 -31.96
C GLU E 242 -23.47 32.86 -31.32
N ASP E 243 -22.46 33.50 -31.91
CA ASP E 243 -21.16 33.65 -31.29
C ASP E 243 -20.72 35.11 -31.21
N VAL E 244 -21.68 36.02 -31.30
CA VAL E 244 -21.41 37.45 -31.15
C VAL E 244 -21.28 37.77 -29.68
N GLY E 245 -20.20 38.46 -29.31
CA GLY E 245 -19.98 38.83 -27.93
C GLY E 245 -18.60 39.43 -27.74
N VAL E 246 -18.22 39.56 -26.47
CA VAL E 246 -16.93 40.09 -26.08
C VAL E 246 -16.02 38.94 -25.71
N TYR E 247 -14.80 38.96 -26.23
CA TYR E 247 -13.83 37.89 -26.01
C TYR E 247 -12.75 38.38 -25.06
N TYR E 248 -12.42 37.57 -24.06
CA TYR E 248 -11.41 37.89 -23.07
C TYR E 248 -10.34 36.82 -23.03
N CYS E 249 -9.11 37.24 -22.73
CA CYS E 249 -8.00 36.33 -22.51
C CYS E 249 -7.59 36.42 -21.05
N MET E 250 -7.21 35.28 -20.47
CA MET E 250 -6.94 35.16 -19.05
C MET E 250 -5.63 34.40 -18.84
N GLN E 251 -5.03 34.62 -17.68
CA GLN E 251 -3.78 33.96 -17.32
C GLN E 251 -3.92 33.30 -15.96
N HIS E 252 -3.26 32.14 -15.81
CA HIS E 252 -3.29 31.37 -14.58
C HIS E 252 -1.89 31.04 -14.08
N LEU E 253 -0.87 31.74 -14.58
CA LEU E 253 0.51 31.43 -14.22
C LEU E 253 0.79 31.77 -12.77
N GLU E 254 0.43 32.97 -12.34
CA GLU E 254 0.78 33.47 -11.02
C GLU E 254 -0.48 33.84 -10.25
N TYR E 255 -0.35 33.84 -8.92
CA TYR E 255 -1.49 34.13 -8.06
C TYR E 255 -2.14 35.48 -8.35
N PRO E 256 -1.41 36.59 -8.61
CA PRO E 256 -2.08 37.75 -9.22
C PRO E 256 -2.62 37.38 -10.59
N LEU E 257 -3.94 37.30 -10.71
CA LEU E 257 -4.60 36.77 -11.89
C LEU E 257 -5.20 37.92 -12.67
N THR E 258 -4.86 38.02 -13.96
CA THR E 258 -5.19 39.21 -14.75
C THR E 258 -5.98 38.82 -15.98
N PHE E 259 -7.06 39.56 -16.23
CA PHE E 259 -7.87 39.39 -17.43
C PHE E 259 -7.40 40.36 -18.52
N GLY E 260 -7.85 40.11 -19.74
CA GLY E 260 -7.56 40.98 -20.85
C GLY E 260 -8.61 42.06 -21.05
N ALA E 261 -8.28 43.00 -21.93
CA ALA E 261 -9.25 44.02 -22.31
C ALA E 261 -10.35 43.40 -23.16
N GLY E 262 -11.50 44.07 -23.18
CA GLY E 262 -12.63 43.55 -23.91
C GLY E 262 -12.51 43.65 -25.42
N THR E 263 -12.31 42.52 -26.08
CA THR E 263 -12.34 42.46 -27.54
C THR E 263 -13.75 42.08 -27.97
N LYS E 264 -14.39 42.97 -28.74
CA LYS E 264 -15.81 42.83 -29.08
C LYS E 264 -15.96 42.55 -30.55
N LEU E 265 -16.77 41.55 -30.89
CA LEU E 265 -17.17 41.26 -32.26
C LEU E 265 -18.60 41.73 -32.45
N GLU E 266 -18.80 42.71 -33.31
CA GLU E 266 -20.11 43.27 -33.61
C GLU E 266 -20.47 42.93 -35.04
N LEU E 267 -21.62 42.26 -35.22
CA LEU E 267 -22.07 41.85 -36.55
C LEU E 267 -22.76 43.00 -37.28
#